data_8T4P
#
_entry.id   8T4P
#
_cell.length_a   159.288
_cell.length_b   159.288
_cell.length_c   208.649
_cell.angle_alpha   90.00
_cell.angle_beta   90.00
_cell.angle_gamma   120.00
#
_symmetry.space_group_name_H-M   'P 65 2 2'
#
loop_
_entity.id
_entity.type
_entity.pdbx_description
1 polymer 'Serine hydroxymethyltransferase, mitochondrial'
2 non-polymer N-GLYCINE-[3-HYDROXY-2-METHYL-5-PHOSPHONOOXYMETHYL-PYRIDIN-4-YL-METHANE]
3 non-polymer 'N-{4-[4-(2-amino-4-oxo-3,4-dihydro-5H-pyrrolo[3,2-d]pyrimidin-5-yl)butyl]-2-fluorobenzoyl}-L-gamma-glutamyl-L-glutamic acid'
4 water water
#
_entity_poly.entity_id   1
_entity_poly.type   'polypeptide(L)'
_entity_poly.pdbx_seq_one_letter_code
;MGSSHHHHHHSSGLVPRSNAAQTQTGEANRGWTGQESLSDSDPEMWELLQREKDRQCRGLELIASENFCSRAALEALGSC
LNNKYSEGYPGKRYYGGAEVVDEIELLCQRRALEAFDLDPAQWGVNVQPYSGSPANLAVYTALLQPHDRIMGLDLPDGGH
LTHGYMSDVKRISATSIFFESMPYKLNPKTGLIDYNQLALTARLFRPRLIIAGTSAYARLIDYARMREVCDEVKAHLLAD
MAHISGLVAAKVIPSPFKHADIVTTTTHKTLRGARSGLIFYRKGVKAVDPKTGREIPYTFEDRINFAVFPSLQGGPHNHA
IAAVAVALKQACTPMFREYSLQVLKNARAMADALLERGYSLVSGGTDNHLVLVDLRPKGLDGARAERVLELVSITANKNT
CPGDRSTITPGGLRLGAPALTSRQFREDDFRRVVDFIDEGVNIGLEVKSKTAKLQDFKSFLLKDSETSQRLANLRQRVEQ
FARAFPMPGFDEH
;
_entity_poly.pdbx_strand_id   A,B
#
# COMPACT_ATOMS: atom_id res chain seq x y z
N TRP A 32 1.42 19.33 23.69
CA TRP A 32 1.41 18.26 22.71
C TRP A 32 2.81 17.70 22.47
N THR A 33 2.91 16.38 22.38
CA THR A 33 4.20 15.72 22.16
C THR A 33 4.15 14.55 21.19
N GLY A 34 2.97 14.01 20.88
CA GLY A 34 2.88 12.86 20.01
C GLY A 34 3.19 11.53 20.65
N GLN A 35 3.56 11.52 21.93
CA GLN A 35 3.86 10.29 22.65
C GLN A 35 2.67 9.81 23.49
N GLU A 36 1.51 10.45 23.35
CA GLU A 36 0.34 10.07 24.12
C GLU A 36 -0.20 8.72 23.64
N SER A 37 -1.02 8.10 24.50
CA SER A 37 -1.56 6.78 24.21
C SER A 37 -2.77 6.88 23.28
N LEU A 38 -2.96 5.82 22.49
CA LEU A 38 -4.16 5.74 21.66
C LEU A 38 -5.41 5.65 22.54
N SER A 39 -5.32 4.91 23.65
CA SER A 39 -6.45 4.82 24.56
C SER A 39 -6.77 6.17 25.20
N ASP A 40 -5.77 7.05 25.32
CA ASP A 40 -5.94 8.37 25.90
C ASP A 40 -6.16 9.46 24.86
N SER A 41 -5.43 9.40 23.73
CA SER A 41 -5.57 10.45 22.72
C SER A 41 -6.86 10.30 21.93
N ASP A 42 -7.26 9.06 21.63
CA ASP A 42 -8.44 8.80 20.80
C ASP A 42 -9.17 7.58 21.35
N PRO A 43 -9.99 7.77 22.39
CA PRO A 43 -10.74 6.63 22.94
C PRO A 43 -11.83 6.13 22.01
N GLU A 44 -12.30 6.94 21.05
CA GLU A 44 -13.28 6.47 20.09
C GLU A 44 -12.68 5.45 19.13
N MET A 45 -11.47 5.72 18.64
CA MET A 45 -10.81 4.76 17.74
C MET A 45 -10.30 3.56 18.52
N TRP A 46 -9.80 3.78 19.74
CA TRP A 46 -9.33 2.67 20.57
C TRP A 46 -10.47 1.72 20.92
N GLU A 47 -11.70 2.24 21.01
CA GLU A 47 -12.84 1.37 21.26
C GLU A 47 -13.16 0.52 20.04
N LEU A 48 -13.25 1.15 18.86
CA LEU A 48 -13.47 0.39 17.63
C LEU A 48 -12.34 -0.60 17.39
N LEU A 49 -11.10 -0.15 17.57
CA LEU A 49 -9.95 -1.03 17.37
C LEU A 49 -9.92 -2.17 18.39
N GLN A 50 -10.56 -1.99 19.55
CA GLN A 50 -10.67 -3.07 20.53
C GLN A 50 -11.84 -3.99 20.25
N ARG A 51 -12.89 -3.50 19.59
CA ARG A 51 -14.03 -4.34 19.25
C ARG A 51 -13.74 -5.27 18.09
N GLU A 52 -12.73 -4.96 17.28
CA GLU A 52 -12.35 -5.86 16.20
C GLU A 52 -11.55 -7.05 16.72
N LYS A 53 -10.67 -6.82 17.70
CA LYS A 53 -9.83 -7.89 18.20
C LYS A 53 -10.65 -8.98 18.87
N ASP A 54 -11.69 -8.60 19.62
CA ASP A 54 -12.55 -9.60 20.24
C ASP A 54 -13.36 -10.35 19.20
N ARG A 55 -13.79 -9.65 18.13
CA ARG A 55 -14.49 -10.33 17.05
C ARG A 55 -13.60 -11.37 16.38
N GLN A 56 -12.29 -11.06 16.25
CA GLN A 56 -11.36 -12.04 15.75
C GLN A 56 -11.10 -13.15 16.76
N CYS A 57 -11.09 -12.80 18.06
CA CYS A 57 -10.93 -13.81 19.09
C CYS A 57 -12.13 -14.73 19.18
N ARG A 58 -13.33 -14.16 19.10
CA ARG A 58 -14.57 -14.92 19.29
C ARG A 58 -15.08 -15.57 18.01
N GLY A 59 -14.54 -15.19 16.86
CA GLY A 59 -15.02 -15.68 15.59
C GLY A 59 -14.20 -16.82 15.03
N LEU A 60 -14.84 -17.64 14.20
CA LEU A 60 -14.18 -18.71 13.45
C LEU A 60 -13.89 -18.16 12.07
N GLU A 61 -12.67 -17.64 11.87
CA GLU A 61 -12.27 -17.07 10.60
C GLU A 61 -11.93 -18.19 9.63
N LEU A 62 -12.78 -18.41 8.64
CA LEU A 62 -12.59 -19.44 7.63
C LEU A 62 -12.22 -18.87 6.27
N ILE A 63 -11.96 -17.57 6.18
CA ILE A 63 -11.53 -16.97 4.93
C ILE A 63 -10.11 -17.42 4.63
N ALA A 64 -9.92 -18.00 3.44
CA ALA A 64 -8.64 -18.64 3.12
C ALA A 64 -7.51 -17.63 2.99
N SER A 65 -7.82 -16.39 2.64
CA SER A 65 -6.79 -15.38 2.44
C SER A 65 -6.35 -14.71 3.73
N GLU A 66 -7.03 -14.98 4.85
CA GLU A 66 -6.78 -14.28 6.10
C GLU A 66 -5.95 -15.15 7.05
N ASN A 67 -5.07 -14.50 7.80
CA ASN A 67 -4.31 -15.15 8.85
C ASN A 67 -4.31 -14.24 10.07
N PHE A 68 -3.45 -14.54 11.05
CA PHE A 68 -3.29 -13.73 12.24
C PHE A 68 -1.81 -13.42 12.40
N CYS A 69 -1.43 -12.18 12.12
CA CYS A 69 -0.03 -11.79 12.17
C CYS A 69 0.48 -11.82 13.60
N SER A 70 1.75 -12.21 13.75
CA SER A 70 2.36 -12.31 15.07
C SER A 70 2.59 -10.93 15.66
N ARG A 71 2.80 -10.91 16.99
CA ARG A 71 3.06 -9.65 17.68
C ARG A 71 4.35 -9.02 17.20
N ALA A 72 5.40 -9.82 17.02
CA ALA A 72 6.72 -9.28 16.67
C ALA A 72 6.67 -8.52 15.35
N ALA A 73 5.90 -9.03 14.38
CA ALA A 73 5.82 -8.35 13.10
C ALA A 73 4.89 -7.14 13.13
N LEU A 74 3.90 -7.14 14.03
CA LEU A 74 2.97 -6.01 14.09
C LEU A 74 3.62 -4.79 14.72
N GLU A 75 4.39 -4.98 15.80
CA GLU A 75 5.06 -3.84 16.41
C GLU A 75 6.19 -3.31 15.54
N ALA A 76 6.67 -4.10 14.57
CA ALA A 76 7.56 -3.57 13.55
C ALA A 76 6.81 -2.85 12.44
N LEU A 77 5.56 -3.26 12.19
CA LEU A 77 4.74 -2.58 11.18
C LEU A 77 4.25 -1.24 11.66
N GLY A 78 4.03 -1.07 12.97
CA GLY A 78 3.61 0.20 13.51
C GLY A 78 4.71 0.88 14.28
N SER A 79 5.86 1.08 13.62
CA SER A 79 7.06 1.61 14.27
C SER A 79 7.47 2.91 13.60
N CYS A 80 8.66 3.40 13.97
CA CYS A 80 9.19 4.64 13.41
C CYS A 80 9.63 4.48 11.97
N LEU A 81 9.71 3.25 11.45
CA LEU A 81 10.02 3.05 10.05
C LEU A 81 8.96 3.64 9.13
N ASN A 82 7.78 3.97 9.66
CA ASN A 82 6.81 4.77 8.92
C ASN A 82 7.34 6.16 8.61
N ASN A 83 8.32 6.64 9.37
CA ASN A 83 8.85 7.99 9.26
C ASN A 83 10.17 8.04 8.50
N LYS A 84 10.32 7.25 7.44
CA LYS A 84 11.57 7.20 6.68
C LYS A 84 11.25 7.13 5.20
N TYR A 85 11.66 8.14 4.45
CA TYR A 85 11.51 8.17 3.00
C TYR A 85 12.75 7.53 2.37
N SER A 86 12.57 6.35 1.77
CA SER A 86 13.66 5.62 1.15
C SER A 86 13.33 5.27 -0.30
N GLU A 87 12.95 6.29 -1.07
CA GLU A 87 12.69 6.09 -2.49
C GLU A 87 13.95 5.66 -3.20
N GLY A 88 13.88 4.52 -3.90
CA GLY A 88 15.02 3.94 -4.58
C GLY A 88 15.25 2.51 -4.11
N TYR A 89 16.52 2.15 -4.00
CA TYR A 89 16.93 0.80 -3.61
C TYR A 89 18.21 0.90 -2.80
N PRO A 90 18.53 -0.13 -1.98
CA PRO A 90 19.73 -0.04 -1.13
C PRO A 90 20.99 0.24 -1.93
N GLY A 91 21.65 1.34 -1.61
CA GLY A 91 22.77 1.82 -2.41
C GLY A 91 22.34 2.80 -3.48
N LYS A 92 21.32 2.44 -4.25
CA LYS A 92 20.78 3.30 -5.31
C LYS A 92 19.60 4.12 -4.78
N ARG A 93 19.86 4.85 -3.70
CA ARG A 93 18.91 5.76 -3.10
C ARG A 93 19.09 7.15 -3.71
N TYR A 94 17.98 7.88 -3.82
CA TYR A 94 18.10 9.23 -4.38
C TYR A 94 18.29 10.28 -3.28
N TYR A 95 17.72 10.08 -2.10
CA TYR A 95 17.98 10.96 -0.97
C TYR A 95 18.87 10.25 0.05
N GLY A 96 18.99 10.86 1.23
CA GLY A 96 19.80 10.34 2.30
C GLY A 96 18.97 9.86 3.48
N GLY A 97 19.68 9.56 4.57
CA GLY A 97 19.04 9.08 5.78
C GLY A 97 18.71 7.60 5.78
N ALA A 98 18.99 6.88 4.71
CA ALA A 98 18.74 5.44 4.62
C ALA A 98 19.94 4.61 5.03
N GLU A 99 20.63 5.02 6.10
CA GLU A 99 21.81 4.29 6.56
C GLU A 99 21.44 2.86 6.96
N VAL A 100 20.60 2.72 7.99
CA VAL A 100 20.21 1.40 8.45
C VAL A 100 18.92 0.91 7.78
N VAL A 101 18.16 1.79 7.13
CA VAL A 101 16.98 1.36 6.40
C VAL A 101 17.39 0.49 5.21
N ASP A 102 18.52 0.81 4.58
CA ASP A 102 19.04 -0.05 3.51
C ASP A 102 19.33 -1.46 4.04
N GLU A 103 19.78 -1.57 5.28
CA GLU A 103 20.13 -2.87 5.83
C GLU A 103 18.91 -3.74 6.07
N ILE A 104 17.75 -3.13 6.38
CA ILE A 104 16.56 -3.94 6.59
C ILE A 104 15.97 -4.42 5.27
N GLU A 105 16.13 -3.64 4.20
CA GLU A 105 15.66 -4.10 2.89
C GLU A 105 16.53 -5.23 2.35
N LEU A 106 17.84 -5.14 2.60
CA LEU A 106 18.72 -6.26 2.24
C LEU A 106 18.46 -7.47 3.13
N LEU A 107 18.16 -7.23 4.41
CA LEU A 107 17.79 -8.33 5.29
C LEU A 107 16.47 -8.96 4.84
N CYS A 108 15.50 -8.13 4.45
CA CYS A 108 14.24 -8.65 3.95
C CYS A 108 14.41 -9.42 2.65
N GLN A 109 15.36 -8.98 1.81
CA GLN A 109 15.63 -9.72 0.58
C GLN A 109 16.37 -11.03 0.86
N ARG A 110 17.35 -10.98 1.77
CA ARG A 110 18.16 -12.17 2.02
C ARG A 110 17.35 -13.30 2.65
N ARG A 111 16.36 -12.97 3.49
CA ARG A 111 15.52 -14.03 4.06
C ARG A 111 14.33 -14.37 3.19
N ALA A 112 13.93 -13.46 2.29
CA ALA A 112 12.93 -13.82 1.29
C ALA A 112 13.42 -14.98 0.42
N LEU A 113 14.66 -14.89 -0.05
CA LEU A 113 15.24 -15.99 -0.82
C LEU A 113 15.53 -17.19 0.07
N GLU A 114 15.94 -16.94 1.32
CA GLU A 114 16.23 -18.04 2.22
C GLU A 114 14.97 -18.82 2.57
N ALA A 115 13.85 -18.12 2.75
CA ALA A 115 12.60 -18.79 3.09
C ALA A 115 12.07 -19.66 1.97
N PHE A 116 12.52 -19.42 0.73
CA PHE A 116 12.10 -20.23 -0.40
C PHE A 116 13.25 -21.02 -1.03
N ASP A 117 14.41 -21.04 -0.38
CA ASP A 117 15.58 -21.80 -0.81
C ASP A 117 15.96 -21.42 -2.25
N LEU A 118 16.48 -20.20 -2.37
CA LEU A 118 16.86 -19.64 -3.65
C LEU A 118 18.32 -19.19 -3.61
N ASP A 119 19.03 -19.49 -4.68
CA ASP A 119 20.42 -19.06 -4.80
C ASP A 119 20.47 -17.55 -4.99
N PRO A 120 21.20 -16.81 -4.15
CA PRO A 120 21.32 -15.35 -4.36
C PRO A 120 21.97 -14.98 -5.69
N ALA A 121 22.49 -15.94 -6.44
CA ALA A 121 23.06 -15.69 -7.77
C ALA A 121 22.14 -16.10 -8.90
N GLN A 122 21.04 -16.80 -8.59
CA GLN A 122 20.06 -17.19 -9.60
C GLN A 122 18.67 -16.62 -9.36
N TRP A 123 18.44 -15.93 -8.26
CA TRP A 123 17.12 -15.38 -7.95
C TRP A 123 17.27 -14.07 -7.18
N GLY A 124 16.60 -13.03 -7.67
CA GLY A 124 16.45 -11.80 -6.95
C GLY A 124 15.02 -11.63 -6.45
N VAL A 125 14.84 -10.65 -5.57
CA VAL A 125 13.53 -10.42 -4.97
C VAL A 125 13.36 -8.92 -4.74
N ASN A 126 12.18 -8.42 -5.07
CA ASN A 126 11.79 -7.04 -4.80
C ASN A 126 10.75 -7.05 -3.68
N VAL A 127 11.06 -6.39 -2.57
CA VAL A 127 10.20 -6.40 -1.39
C VAL A 127 9.34 -5.17 -1.27
N GLN A 128 9.47 -4.21 -2.18
CA GLN A 128 8.76 -2.93 -2.11
C GLN A 128 7.28 -2.91 -2.50
N PRO A 129 6.74 -3.90 -3.24
CA PRO A 129 5.31 -3.84 -3.56
C PRO A 129 4.43 -3.64 -2.33
N TYR A 130 3.54 -2.65 -2.42
CA TYR A 130 2.68 -2.30 -1.29
C TYR A 130 1.76 -3.45 -0.90
N SER A 131 1.32 -4.23 -1.87
CA SER A 131 0.45 -5.38 -1.60
C SER A 131 0.52 -6.31 -2.82
N GLY A 132 -0.35 -7.32 -2.84
CA GLY A 132 -0.31 -8.29 -3.92
C GLY A 132 -0.75 -7.72 -5.25
N SER A 133 -1.79 -6.89 -5.26
CA SER A 133 -2.26 -6.29 -6.50
C SER A 133 -1.23 -5.37 -7.14
N PRO A 134 -0.57 -4.46 -6.42
CA PRO A 134 0.50 -3.68 -7.06
C PRO A 134 1.67 -4.54 -7.49
N ALA A 135 1.88 -5.69 -6.84
CA ALA A 135 2.99 -6.56 -7.22
C ALA A 135 2.77 -7.15 -8.61
N ASN A 136 1.54 -7.59 -8.92
CA ASN A 136 1.26 -8.15 -10.24
C ASN A 136 1.32 -7.08 -11.31
N LEU A 137 0.77 -5.89 -11.03
CA LEU A 137 0.80 -4.81 -12.02
C LEU A 137 2.24 -4.40 -12.33
N ALA A 138 3.15 -4.53 -11.37
CA ALA A 138 4.54 -4.20 -11.63
C ALA A 138 5.18 -5.19 -12.59
N VAL A 139 4.81 -6.48 -12.48
CA VAL A 139 5.37 -7.48 -13.38
C VAL A 139 4.95 -7.21 -14.82
N TYR A 140 3.70 -6.80 -15.01
CA TYR A 140 3.21 -6.53 -16.36
C TYR A 140 3.89 -5.31 -16.97
N THR A 141 3.92 -4.20 -16.23
CA THR A 141 4.54 -2.98 -16.75
C THR A 141 6.03 -3.18 -17.02
N ALA A 142 6.67 -4.09 -16.29
CA ALA A 142 8.10 -4.30 -16.48
C ALA A 142 8.39 -5.14 -17.71
N LEU A 143 7.53 -6.11 -18.03
CA LEU A 143 7.78 -7.06 -19.10
C LEU A 143 6.96 -6.79 -20.35
N LEU A 144 5.75 -6.24 -20.22
CA LEU A 144 4.84 -6.11 -21.34
C LEU A 144 4.59 -4.66 -21.69
N GLN A 145 4.33 -4.41 -22.96
CA GLN A 145 3.90 -3.10 -23.43
C GLN A 145 2.41 -2.92 -23.16
N PRO A 146 1.92 -1.69 -23.12
CA PRO A 146 0.47 -1.47 -23.00
C PRO A 146 -0.28 -2.21 -24.10
N HIS A 147 -1.44 -2.75 -23.74
CA HIS A 147 -2.31 -3.53 -24.63
C HIS A 147 -1.70 -4.84 -25.08
N ASP A 148 -0.65 -5.31 -24.40
CA ASP A 148 -0.13 -6.64 -24.68
C ASP A 148 -1.07 -7.69 -24.09
N ARG A 149 -0.86 -8.94 -24.49
CA ARG A 149 -1.83 -10.00 -24.23
C ARG A 149 -1.47 -10.80 -22.98
N ILE A 150 -2.47 -10.95 -22.10
CA ILE A 150 -2.34 -11.56 -20.78
C ILE A 150 -3.30 -12.74 -20.71
N MET A 151 -2.86 -13.83 -20.08
CA MET A 151 -3.72 -14.99 -19.87
C MET A 151 -3.67 -15.40 -18.41
N GLY A 152 -4.85 -15.43 -17.77
CA GLY A 152 -4.96 -15.92 -16.41
C GLY A 152 -6.22 -16.72 -16.24
N LEU A 153 -6.33 -17.38 -15.09
CA LEU A 153 -7.55 -18.12 -14.78
C LEU A 153 -8.70 -17.15 -14.58
N ASP A 154 -9.85 -17.46 -15.17
CA ASP A 154 -11.02 -16.61 -15.03
C ASP A 154 -11.42 -16.48 -13.56
N LEU A 155 -11.92 -15.30 -13.21
CA LEU A 155 -12.26 -15.02 -11.81
C LEU A 155 -13.30 -16.00 -11.25
N PRO A 156 -14.46 -16.22 -11.89
CA PRO A 156 -15.40 -17.20 -11.33
C PRO A 156 -14.84 -18.61 -11.23
N ASP A 157 -13.82 -18.94 -12.00
CA ASP A 157 -13.22 -20.26 -11.98
C ASP A 157 -12.11 -20.40 -10.95
N GLY A 158 -11.72 -19.32 -10.29
CA GLY A 158 -10.70 -19.40 -9.25
C GLY A 158 -9.57 -18.41 -9.40
N GLY A 159 -9.57 -17.65 -10.49
CA GLY A 159 -8.54 -16.67 -10.70
C GLY A 159 -8.79 -15.39 -9.92
N HIS A 160 -7.75 -14.56 -9.82
CA HIS A 160 -7.84 -13.29 -9.13
C HIS A 160 -8.14 -12.16 -10.12
N LEU A 161 -8.54 -11.02 -9.56
CA LEU A 161 -8.77 -9.82 -10.38
C LEU A 161 -7.53 -9.45 -11.18
N THR A 162 -6.39 -9.36 -10.50
CA THR A 162 -5.14 -8.90 -11.12
C THR A 162 -4.62 -9.83 -12.20
N HIS A 163 -5.22 -11.00 -12.37
CA HIS A 163 -4.86 -11.92 -13.46
C HIS A 163 -5.64 -11.63 -14.74
N GLY A 164 -6.12 -10.41 -14.92
CA GLY A 164 -6.90 -10.06 -16.08
C GLY A 164 -8.31 -10.63 -16.05
N TYR A 165 -9.27 -9.84 -15.61
CA TYR A 165 -10.66 -10.26 -15.57
C TYR A 165 -11.56 -9.22 -16.21
N MET A 166 -12.49 -9.69 -17.04
CA MET A 166 -13.48 -8.85 -17.71
C MET A 166 -14.82 -9.53 -17.62
N SER A 167 -15.85 -8.77 -17.27
CA SER A 167 -17.21 -9.26 -17.43
C SER A 167 -17.62 -9.16 -18.90
N ASP A 168 -18.81 -9.66 -19.21
CA ASP A 168 -19.33 -9.51 -20.57
C ASP A 168 -19.86 -8.10 -20.84
N VAL A 169 -19.81 -7.21 -19.86
CA VAL A 169 -20.38 -5.88 -20.00
C VAL A 169 -19.32 -4.78 -20.07
N LYS A 170 -18.21 -4.92 -19.37
CA LYS A 170 -17.19 -3.88 -19.31
C LYS A 170 -15.95 -4.44 -18.62
N ARG A 171 -14.81 -3.78 -18.86
CA ARG A 171 -13.59 -4.15 -18.17
C ARG A 171 -13.61 -3.58 -16.75
N ILE A 172 -13.35 -4.44 -15.76
CA ILE A 172 -13.42 -4.04 -14.38
C ILE A 172 -12.06 -4.05 -13.69
N SER A 173 -11.12 -4.88 -14.15
CA SER A 173 -9.77 -4.92 -13.60
C SER A 173 -8.83 -4.08 -14.45
N ALA A 174 -7.97 -3.31 -13.79
CA ALA A 174 -7.01 -2.47 -14.50
C ALA A 174 -6.03 -3.30 -15.32
N THR A 175 -5.79 -4.56 -14.94
CA THR A 175 -4.98 -5.44 -15.77
C THR A 175 -5.63 -5.64 -17.13
N SER A 176 -6.96 -5.62 -17.19
CA SER A 176 -7.69 -5.74 -18.44
C SER A 176 -7.90 -4.42 -19.16
N ILE A 177 -7.51 -3.30 -18.56
CA ILE A 177 -7.62 -1.98 -19.20
C ILE A 177 -6.30 -1.58 -19.86
N PHE A 178 -5.19 -1.77 -19.16
CA PHE A 178 -3.87 -1.45 -19.70
C PHE A 178 -3.27 -2.59 -20.50
N PHE A 179 -3.79 -3.80 -20.36
CA PHE A 179 -3.34 -4.95 -21.13
C PHE A 179 -4.56 -5.75 -21.58
N GLU A 180 -4.41 -6.45 -22.69
CA GLU A 180 -5.51 -7.23 -23.27
C GLU A 180 -5.47 -8.63 -22.68
N SER A 181 -6.43 -8.94 -21.82
CA SER A 181 -6.46 -10.22 -21.13
C SER A 181 -7.43 -11.17 -21.79
N MET A 182 -7.15 -12.48 -21.65
CA MET A 182 -8.05 -13.52 -22.10
C MET A 182 -7.95 -14.64 -21.07
N PRO A 183 -9.08 -15.09 -20.52
CA PRO A 183 -9.04 -16.11 -19.48
C PRO A 183 -9.09 -17.53 -20.02
N TYR A 184 -8.55 -18.46 -19.24
CA TYR A 184 -8.72 -19.88 -19.47
C TYR A 184 -9.52 -20.48 -18.33
N LYS A 185 -10.33 -21.49 -18.67
CA LYS A 185 -11.35 -22.01 -17.77
C LYS A 185 -10.90 -23.31 -17.12
N LEU A 186 -11.76 -23.82 -16.24
CA LEU A 186 -11.57 -25.12 -15.62
C LEU A 186 -12.19 -26.21 -16.50
N ASN A 187 -11.91 -27.46 -16.13
CA ASN A 187 -12.61 -28.61 -16.68
C ASN A 187 -13.80 -28.89 -15.78
N PRO A 188 -15.02 -28.51 -16.20
CA PRO A 188 -16.18 -28.62 -15.29
C PRO A 188 -16.44 -30.05 -14.82
N LYS A 189 -15.99 -31.07 -15.54
CA LYS A 189 -16.15 -32.44 -15.08
C LYS A 189 -15.28 -32.71 -13.86
N THR A 190 -14.00 -32.35 -13.92
CA THR A 190 -13.05 -32.63 -12.86
C THR A 190 -12.82 -31.45 -11.92
N GLY A 191 -13.28 -30.25 -12.28
CA GLY A 191 -13.03 -29.07 -11.48
C GLY A 191 -11.61 -28.57 -11.52
N LEU A 192 -10.75 -29.14 -12.35
CA LEU A 192 -9.35 -28.74 -12.43
C LEU A 192 -9.12 -27.85 -13.64
N ILE A 193 -7.97 -27.17 -13.62
CA ILE A 193 -7.59 -26.30 -14.72
C ILE A 193 -7.50 -27.13 -16.00
N ASP A 194 -8.10 -26.63 -17.07
CA ASP A 194 -8.06 -27.33 -18.36
C ASP A 194 -6.78 -26.93 -19.07
N TYR A 195 -5.69 -27.65 -18.75
CA TYR A 195 -4.41 -27.35 -19.37
C TYR A 195 -4.45 -27.60 -20.87
N ASN A 196 -5.26 -28.56 -21.32
CA ASN A 196 -5.38 -28.80 -22.76
C ASN A 196 -6.03 -27.63 -23.46
N GLN A 197 -7.12 -27.10 -22.89
CA GLN A 197 -7.77 -25.93 -23.49
C GLN A 197 -6.88 -24.70 -23.42
N LEU A 198 -6.05 -24.59 -22.38
CA LEU A 198 -5.11 -23.48 -22.30
C LEU A 198 -4.06 -23.56 -23.40
N ALA A 199 -3.57 -24.77 -23.68
CA ALA A 199 -2.62 -24.95 -24.77
C ALA A 199 -3.25 -24.59 -26.12
N LEU A 200 -4.50 -24.99 -26.32
CA LEU A 200 -5.21 -24.62 -27.54
C LEU A 200 -5.43 -23.11 -27.62
N THR A 201 -5.85 -22.50 -26.51
CA THR A 201 -6.18 -21.08 -26.53
C THR A 201 -4.92 -20.21 -26.69
N ALA A 202 -3.84 -20.56 -25.99
CA ALA A 202 -2.61 -19.78 -26.09
C ALA A 202 -2.03 -19.81 -27.50
N ARG A 203 -2.21 -20.92 -28.22
CA ARG A 203 -1.67 -21.00 -29.58
C ARG A 203 -2.37 -20.04 -30.52
N LEU A 204 -3.62 -19.68 -30.24
CA LEU A 204 -4.38 -18.77 -31.08
C LEU A 204 -4.41 -17.34 -30.54
N PHE A 205 -4.33 -17.17 -29.22
CA PHE A 205 -4.32 -15.84 -28.63
C PHE A 205 -2.91 -15.23 -28.63
N ARG A 206 -1.88 -16.09 -28.60
CA ARG A 206 -0.48 -15.69 -28.59
C ARG A 206 -0.21 -14.71 -27.44
N PRO A 207 -0.31 -15.15 -26.19
CA PRO A 207 0.00 -14.25 -25.08
C PRO A 207 1.50 -14.11 -24.87
N ARG A 208 1.88 -12.97 -24.30
CA ARG A 208 3.26 -12.74 -23.90
C ARG A 208 3.51 -13.00 -22.43
N LEU A 209 2.46 -13.27 -21.65
CA LEU A 209 2.61 -13.60 -20.24
C LEU A 209 1.39 -14.41 -19.80
N ILE A 210 1.64 -15.55 -19.19
CA ILE A 210 0.59 -16.42 -18.66
C ILE A 210 0.74 -16.48 -17.15
N ILE A 211 -0.36 -16.27 -16.43
CA ILE A 211 -0.36 -16.27 -14.98
C ILE A 211 -0.69 -17.67 -14.48
N ALA A 212 0.14 -18.20 -13.58
CA ALA A 212 -0.05 -19.51 -12.98
C ALA A 212 -0.28 -19.33 -11.48
N GLY A 213 -1.45 -18.81 -11.12
CA GLY A 213 -1.77 -18.58 -9.73
C GLY A 213 -3.28 -18.62 -9.52
N THR A 214 -3.67 -18.86 -8.28
CA THR A 214 -5.08 -19.06 -7.95
C THR A 214 -5.48 -18.26 -6.73
N SER A 215 -6.79 -18.02 -6.62
CA SER A 215 -7.42 -17.49 -5.43
C SER A 215 -8.46 -18.43 -4.83
N ALA A 216 -8.94 -19.42 -5.57
CA ALA A 216 -9.97 -20.34 -5.11
C ALA A 216 -9.85 -21.67 -5.84
N TYR A 217 -8.88 -22.49 -5.44
CA TYR A 217 -8.55 -23.72 -6.15
C TYR A 217 -7.93 -24.68 -5.15
N ALA A 218 -8.51 -25.86 -5.00
CA ALA A 218 -8.13 -26.75 -3.91
C ALA A 218 -6.92 -27.61 -4.23
N ARG A 219 -6.43 -27.60 -5.45
CA ARG A 219 -5.35 -28.49 -5.85
C ARG A 219 -4.14 -27.72 -6.34
N LEU A 220 -3.06 -28.46 -6.61
CA LEU A 220 -1.79 -27.88 -6.96
C LEU A 220 -1.68 -27.71 -8.47
N ILE A 221 -1.26 -26.52 -8.90
CA ILE A 221 -1.16 -26.21 -10.31
C ILE A 221 0.03 -26.95 -10.91
N ASP A 222 -0.19 -27.60 -12.06
CA ASP A 222 0.89 -28.27 -12.79
C ASP A 222 1.75 -27.19 -13.45
N TYR A 223 2.71 -26.68 -12.69
CA TYR A 223 3.55 -25.59 -13.19
C TYR A 223 4.44 -26.05 -14.34
N ALA A 224 4.83 -27.33 -14.36
CA ALA A 224 5.63 -27.83 -15.47
C ALA A 224 4.82 -27.80 -16.78
N ARG A 225 3.56 -28.24 -16.72
CA ARG A 225 2.70 -28.14 -17.90
C ARG A 225 2.50 -26.69 -18.30
N MET A 226 2.39 -25.79 -17.33
CA MET A 226 2.31 -24.37 -17.63
C MET A 226 3.53 -23.88 -18.38
N ARG A 227 4.72 -24.31 -17.93
CA ARG A 227 5.96 -23.86 -18.57
C ARG A 227 6.06 -24.34 -20.01
N GLU A 228 5.60 -25.57 -20.29
CA GLU A 228 5.65 -26.08 -21.65
C GLU A 228 4.74 -25.28 -22.58
N VAL A 229 3.58 -24.84 -22.07
CA VAL A 229 2.69 -24.02 -22.88
C VAL A 229 3.30 -22.64 -23.10
N CYS A 230 3.99 -22.10 -22.09
CA CYS A 230 4.60 -20.78 -22.25
C CYS A 230 5.75 -20.82 -23.24
N ASP A 231 6.58 -21.86 -23.19
CA ASP A 231 7.73 -21.94 -24.08
C ASP A 231 7.31 -22.17 -25.54
N GLU A 232 6.12 -22.73 -25.78
CA GLU A 232 5.69 -22.95 -27.15
C GLU A 232 5.23 -21.65 -27.82
N VAL A 233 4.50 -20.81 -27.09
CA VAL A 233 3.99 -19.56 -27.63
C VAL A 233 4.94 -18.41 -27.29
N LYS A 234 6.08 -18.74 -26.68
CA LYS A 234 7.10 -17.77 -26.29
C LYS A 234 6.51 -16.69 -25.38
N ALA A 235 6.17 -17.13 -24.17
CA ALA A 235 5.56 -16.26 -23.16
C ALA A 235 6.26 -16.46 -21.83
N HIS A 236 6.26 -15.40 -21.02
CA HIS A 236 6.77 -15.49 -19.65
C HIS A 236 5.75 -16.17 -18.75
N LEU A 237 6.23 -17.09 -17.91
CA LEU A 237 5.38 -17.79 -16.95
C LEU A 237 5.45 -17.07 -15.61
N LEU A 238 4.38 -16.37 -15.26
CA LEU A 238 4.25 -15.73 -13.97
C LEU A 238 3.44 -16.63 -13.04
N ALA A 239 4.00 -16.94 -11.87
CA ALA A 239 3.32 -17.74 -10.87
C ALA A 239 2.96 -16.83 -9.70
N ASP A 240 1.66 -16.62 -9.51
CA ASP A 240 1.17 -15.89 -8.34
C ASP A 240 1.05 -16.87 -7.20
N MET A 241 2.00 -16.82 -6.26
CA MET A 241 2.12 -17.75 -5.15
C MET A 241 1.32 -17.28 -3.93
N ALA A 242 0.33 -16.41 -4.12
CA ALA A 242 -0.24 -15.66 -2.99
C ALA A 242 -0.83 -16.59 -1.94
N HIS A 243 -1.73 -17.48 -2.33
CA HIS A 243 -2.46 -18.28 -1.35
C HIS A 243 -1.59 -19.39 -0.75
N ILE A 244 -0.59 -19.86 -1.48
CA ILE A 244 0.10 -21.09 -1.14
C ILE A 244 1.57 -20.86 -0.78
N SER A 245 2.01 -19.60 -0.70
CA SER A 245 3.43 -19.33 -0.50
C SER A 245 3.94 -19.87 0.83
N GLY A 246 3.09 -19.88 1.85
CA GLY A 246 3.50 -20.46 3.12
C GLY A 246 3.74 -21.95 3.00
N LEU A 247 2.92 -22.64 2.22
CA LEU A 247 3.14 -24.06 1.97
C LEU A 247 4.38 -24.27 1.11
N VAL A 248 4.68 -23.33 0.21
CA VAL A 248 5.89 -23.44 -0.61
C VAL A 248 7.12 -23.18 0.23
N ALA A 249 7.05 -22.20 1.14
CA ALA A 249 8.20 -21.92 2.02
C ALA A 249 8.52 -23.11 2.91
N ALA A 250 7.50 -23.75 3.47
CA ALA A 250 7.70 -24.94 4.28
C ALA A 250 8.03 -26.18 3.45
N LYS A 251 8.00 -26.07 2.12
CA LYS A 251 8.31 -27.18 1.21
C LYS A 251 7.37 -28.37 1.44
N VAL A 252 6.11 -28.10 1.80
CA VAL A 252 5.11 -29.15 1.94
C VAL A 252 4.30 -29.36 0.68
N ILE A 253 4.39 -28.45 -0.28
CA ILE A 253 3.80 -28.63 -1.61
C ILE A 253 4.87 -28.27 -2.64
N PRO A 254 4.71 -28.72 -3.88
CA PRO A 254 5.70 -28.38 -4.91
C PRO A 254 5.88 -26.88 -5.07
N SER A 255 7.14 -26.48 -5.25
CA SER A 255 7.48 -25.06 -5.35
C SER A 255 7.33 -24.59 -6.80
N PRO A 256 6.60 -23.49 -7.04
CA PRO A 256 6.51 -22.95 -8.41
C PRO A 256 7.81 -22.34 -8.91
N PHE A 257 8.82 -22.16 -8.04
CA PHE A 257 10.09 -21.61 -8.49
C PHE A 257 10.83 -22.55 -9.45
N LYS A 258 10.53 -23.84 -9.40
CA LYS A 258 11.25 -24.83 -10.21
C LYS A 258 10.81 -24.83 -11.66
N HIS A 259 9.84 -24.01 -12.05
CA HIS A 259 9.38 -23.98 -13.43
C HIS A 259 9.13 -22.55 -13.89
N ALA A 260 8.44 -21.76 -13.07
CA ALA A 260 8.22 -20.37 -13.38
C ALA A 260 9.50 -19.57 -13.14
N ASP A 261 9.64 -18.48 -13.89
CA ASP A 261 10.78 -17.59 -13.72
C ASP A 261 10.41 -16.24 -13.12
N ILE A 262 9.12 -15.93 -13.00
CA ILE A 262 8.64 -14.76 -12.28
C ILE A 262 7.58 -15.24 -11.30
N VAL A 263 7.82 -15.00 -10.01
CA VAL A 263 6.90 -15.41 -8.95
C VAL A 263 6.49 -14.18 -8.16
N THR A 264 5.19 -13.99 -8.01
CA THR A 264 4.66 -12.98 -7.10
C THR A 264 3.90 -13.66 -5.97
N THR A 265 3.79 -12.94 -4.86
CA THR A 265 3.08 -13.47 -3.70
C THR A 265 2.73 -12.32 -2.77
N THR A 266 1.60 -12.47 -2.09
CA THR A 266 1.31 -11.65 -0.92
C THR A 266 2.07 -12.22 0.28
N THR A 267 2.11 -11.44 1.36
CA THR A 267 2.79 -11.88 2.57
C THR A 267 1.89 -11.90 3.79
N HIS A 268 0.57 -11.80 3.61
CA HIS A 268 -0.37 -11.76 4.72
C HIS A 268 -1.33 -12.95 4.72
N LYS A 269 -1.15 -13.90 3.81
CA LYS A 269 -1.97 -15.11 3.82
C LYS A 269 -1.24 -16.20 4.60
N THR A 270 -0.85 -17.28 3.92
CA THR A 270 -0.12 -18.34 4.59
C THR A 270 1.26 -17.89 5.06
N LEU A 271 1.74 -16.72 4.64
CA LEU A 271 3.00 -16.19 5.14
C LEU A 271 2.88 -15.59 6.54
N ARG A 272 1.68 -15.20 6.94
CA ARG A 272 1.42 -14.74 8.31
C ARG A 272 2.26 -13.51 8.66
N GLY A 273 2.35 -12.58 7.72
CA GLY A 273 3.05 -11.34 7.96
C GLY A 273 2.18 -10.13 7.71
N ALA A 274 2.80 -8.97 7.52
CA ALA A 274 2.06 -7.76 7.22
C ALA A 274 1.51 -7.82 5.80
N ARG A 275 0.73 -6.80 5.44
CA ARG A 275 0.15 -6.72 4.10
C ARG A 275 1.14 -6.00 3.20
N SER A 276 1.90 -6.78 2.43
CA SER A 276 2.86 -6.25 1.46
C SER A 276 2.90 -7.22 0.28
N GLY A 277 3.92 -7.10 -0.54
CA GLY A 277 4.04 -7.97 -1.71
C GLY A 277 5.49 -8.20 -2.07
N LEU A 278 5.77 -9.36 -2.64
CA LEU A 278 7.10 -9.72 -3.09
C LEU A 278 7.07 -10.11 -4.56
N ILE A 279 8.13 -9.76 -5.28
CA ILE A 279 8.31 -10.16 -6.67
C ILE A 279 9.64 -10.86 -6.78
N PHE A 280 9.60 -12.15 -7.11
CA PHE A 280 10.81 -12.96 -7.31
C PHE A 280 11.07 -13.11 -8.80
N TYR A 281 12.33 -12.98 -9.20
CA TYR A 281 12.70 -12.99 -10.60
C TYR A 281 14.02 -13.71 -10.78
N ARG A 282 14.20 -14.33 -11.94
CA ARG A 282 15.46 -14.97 -12.28
C ARG A 282 16.57 -13.93 -12.46
N LYS A 283 17.80 -14.34 -12.17
CA LYS A 283 18.94 -13.46 -12.23
C LYS A 283 20.12 -14.24 -12.79
N GLY A 284 21.10 -13.50 -13.32
CA GLY A 284 22.32 -14.10 -13.84
C GLY A 284 22.22 -14.34 -15.34
N VAL A 285 22.60 -15.54 -15.77
CA VAL A 285 22.63 -15.91 -17.17
C VAL A 285 21.49 -16.89 -17.46
N LYS A 286 20.88 -16.75 -18.63
CA LYS A 286 19.79 -17.62 -19.03
C LYS A 286 20.28 -18.70 -19.99
N GLU A 295 26.84 -15.75 -23.82
CA GLU A 295 25.99 -15.90 -22.64
C GLU A 295 24.71 -15.07 -22.77
N ILE A 296 23.56 -15.74 -22.81
CA ILE A 296 22.27 -15.05 -22.83
C ILE A 296 21.93 -14.66 -21.39
N PRO A 297 21.87 -13.36 -21.08
CA PRO A 297 21.59 -12.96 -19.70
C PRO A 297 20.10 -12.82 -19.43
N TYR A 298 19.74 -13.09 -18.17
CA TYR A 298 18.38 -12.87 -17.69
C TYR A 298 18.17 -11.38 -17.48
N THR A 299 17.28 -10.77 -18.26
CA THR A 299 16.98 -9.35 -18.14
C THR A 299 15.63 -9.16 -17.43
N PHE A 300 15.58 -9.63 -16.18
CA PHE A 300 14.42 -9.45 -15.31
C PHE A 300 14.69 -8.50 -14.16
N GLU A 301 15.93 -8.47 -13.66
CA GLU A 301 16.24 -7.72 -12.45
C GLU A 301 16.07 -6.22 -12.64
N ASP A 302 16.52 -5.70 -13.78
CA ASP A 302 16.55 -4.25 -13.96
C ASP A 302 15.17 -3.68 -14.30
N ARG A 303 14.36 -4.41 -15.06
CA ARG A 303 13.08 -3.87 -15.49
C ARG A 303 12.02 -3.97 -14.38
N ILE A 304 12.02 -5.07 -13.63
CA ILE A 304 11.05 -5.24 -12.56
C ILE A 304 11.29 -4.21 -11.47
N ASN A 305 12.56 -4.00 -11.08
CA ASN A 305 12.86 -2.99 -10.08
C ASN A 305 12.53 -1.59 -10.58
N PHE A 306 12.52 -1.38 -11.90
CA PHE A 306 12.16 -0.08 -12.44
C PHE A 306 10.65 0.12 -12.50
N ALA A 307 9.89 -0.97 -12.60
CA ALA A 307 8.43 -0.86 -12.65
C ALA A 307 7.85 -0.54 -11.27
N VAL A 308 8.41 -1.14 -10.21
CA VAL A 308 7.96 -0.83 -8.87
C VAL A 308 8.31 0.61 -8.51
N PHE A 309 9.52 1.05 -8.84
CA PHE A 309 9.96 2.41 -8.63
C PHE A 309 10.93 2.76 -9.74
N PRO A 310 10.78 3.92 -10.40
CA PRO A 310 9.81 4.98 -10.08
C PRO A 310 8.52 4.94 -10.90
N SER A 311 8.29 3.84 -11.62
CA SER A 311 7.16 3.79 -12.56
C SER A 311 5.83 3.83 -11.81
N LEU A 312 5.61 2.89 -10.89
CA LEU A 312 4.32 2.74 -10.23
C LEU A 312 4.30 3.34 -8.82
N GLN A 313 5.09 2.78 -7.92
CA GLN A 313 5.05 3.21 -6.52
C GLN A 313 6.01 4.37 -6.28
N GLY A 314 5.94 4.93 -5.08
CA GLY A 314 6.84 5.99 -4.68
C GLY A 314 7.60 5.63 -3.42
N GLY A 315 7.22 6.23 -2.30
CA GLY A 315 7.85 5.94 -1.04
C GLY A 315 7.53 4.54 -0.54
N PRO A 316 8.56 3.72 -0.35
CA PRO A 316 8.32 2.36 0.17
C PRO A 316 7.85 2.40 1.60
N HIS A 317 6.92 1.50 1.94
CA HIS A 317 6.43 1.36 3.30
C HIS A 317 7.44 0.52 4.08
N ASN A 318 8.47 1.19 4.58
CA ASN A 318 9.57 0.50 5.25
C ASN A 318 9.10 -0.23 6.50
N HIS A 319 8.08 0.31 7.17
CA HIS A 319 7.49 -0.40 8.31
C HIS A 319 6.92 -1.75 7.88
N ALA A 320 6.38 -1.83 6.67
CA ALA A 320 5.90 -3.11 6.16
C ALA A 320 7.03 -4.03 5.75
N ILE A 321 8.10 -3.46 5.18
CA ILE A 321 9.24 -4.26 4.75
C ILE A 321 9.83 -5.02 5.94
N ALA A 322 10.08 -4.31 7.03
CA ALA A 322 10.65 -4.96 8.21
C ALA A 322 9.67 -5.95 8.83
N ALA A 323 8.37 -5.68 8.72
CA ALA A 323 7.38 -6.63 9.21
C ALA A 323 7.39 -7.90 8.37
N VAL A 324 7.58 -7.77 7.05
CA VAL A 324 7.68 -8.95 6.21
C VAL A 324 8.94 -9.74 6.55
N ALA A 325 10.05 -9.04 6.80
CA ALA A 325 11.31 -9.72 7.11
C ALA A 325 11.20 -10.47 8.44
N VAL A 326 10.47 -9.92 9.41
CA VAL A 326 10.25 -10.62 10.67
C VAL A 326 9.47 -11.91 10.41
N ALA A 327 8.40 -11.82 9.62
CA ALA A 327 7.62 -13.01 9.29
C ALA A 327 8.40 -13.96 8.41
N LEU A 328 9.30 -13.44 7.56
CA LEU A 328 10.07 -14.31 6.67
C LEU A 328 11.05 -15.17 7.46
N LYS A 329 11.71 -14.62 8.47
CA LYS A 329 12.60 -15.42 9.28
C LYS A 329 11.82 -16.43 10.13
N GLN A 330 10.57 -16.10 10.46
CA GLN A 330 9.70 -17.10 11.08
C GLN A 330 9.40 -18.25 10.12
N ALA A 331 9.40 -17.97 8.82
CA ALA A 331 9.12 -19.01 7.82
C ALA A 331 10.27 -19.97 7.63
N CYS A 332 11.49 -19.58 8.00
CA CYS A 332 12.64 -20.47 7.91
C CYS A 332 12.76 -21.43 9.09
N THR A 333 11.92 -21.26 10.11
CA THR A 333 12.02 -22.05 11.33
C THR A 333 11.28 -23.39 11.18
N PRO A 334 11.72 -24.41 11.92
CA PRO A 334 10.98 -25.69 11.91
C PRO A 334 9.55 -25.55 12.41
N MET A 335 9.26 -24.54 13.23
CA MET A 335 7.89 -24.33 13.69
C MET A 335 6.96 -24.01 12.52
N PHE A 336 7.45 -23.21 11.57
CA PHE A 336 6.60 -22.82 10.44
C PHE A 336 6.30 -24.00 9.53
N ARG A 337 7.26 -24.93 9.38
CA ARG A 337 6.99 -26.13 8.60
C ARG A 337 5.95 -27.00 9.29
N GLU A 338 6.06 -27.15 10.61
CA GLU A 338 5.03 -27.88 11.36
C GLU A 338 3.70 -27.16 11.30
N TYR A 339 3.72 -25.82 11.21
CA TYR A 339 2.48 -25.07 11.06
C TYR A 339 1.85 -25.33 9.69
N SER A 340 2.64 -25.21 8.62
CA SER A 340 2.10 -25.43 7.28
C SER A 340 1.72 -26.89 7.06
N LEU A 341 2.42 -27.82 7.71
CA LEU A 341 2.02 -29.22 7.64
C LEU A 341 0.65 -29.42 8.27
N GLN A 342 0.38 -28.70 9.36
CA GLN A 342 -0.91 -28.80 10.01
C GLN A 342 -2.02 -28.15 9.19
N VAL A 343 -1.70 -27.09 8.44
CA VAL A 343 -2.71 -26.42 7.62
C VAL A 343 -3.25 -27.37 6.57
N LEU A 344 -2.40 -28.23 6.01
CA LEU A 344 -2.85 -29.18 5.00
C LEU A 344 -3.79 -30.22 5.61
N LYS A 345 -3.37 -30.86 6.70
CA LYS A 345 -4.22 -31.88 7.30
C LYS A 345 -5.45 -31.29 7.97
N ASN A 346 -5.42 -30.02 8.36
CA ASN A 346 -6.62 -29.38 8.89
C ASN A 346 -7.64 -29.14 7.78
N ALA A 347 -7.17 -28.65 6.62
CA ALA A 347 -8.07 -28.53 5.47
C ALA A 347 -8.55 -29.89 5.01
N ARG A 348 -7.64 -30.88 4.99
CA ARG A 348 -8.02 -32.24 4.62
C ARG A 348 -8.99 -32.84 5.63
N ALA A 349 -8.84 -32.47 6.92
CA ALA A 349 -9.76 -32.96 7.93
C ALA A 349 -11.17 -32.41 7.72
N MET A 350 -11.29 -31.09 7.58
CA MET A 350 -12.62 -30.53 7.33
C MET A 350 -13.18 -31.02 6.00
N ALA A 351 -12.32 -31.18 4.99
CA ALA A 351 -12.78 -31.72 3.70
C ALA A 351 -13.41 -33.09 3.87
N ASP A 352 -12.70 -34.01 4.52
CA ASP A 352 -13.28 -35.33 4.79
C ASP A 352 -14.43 -35.26 5.78
N ALA A 353 -14.45 -34.24 6.64
CA ALA A 353 -15.58 -34.08 7.55
C ALA A 353 -16.83 -33.63 6.79
N LEU A 354 -16.68 -32.68 5.86
CA LEU A 354 -17.84 -32.23 5.10
C LEU A 354 -18.40 -33.33 4.20
N LEU A 355 -17.54 -34.22 3.70
CA LEU A 355 -18.01 -35.27 2.81
C LEU A 355 -18.96 -36.23 3.51
N GLU A 356 -18.63 -36.62 4.74
CA GLU A 356 -19.48 -37.56 5.46
C GLU A 356 -20.79 -36.92 5.91
N ARG A 357 -20.84 -35.59 6.00
N ARG A 357 -20.85 -35.59 6.01
CA ARG A 357 -22.09 -34.88 6.28
CA ARG A 357 -22.10 -34.91 6.29
C ARG A 357 -22.90 -34.62 5.02
C ARG A 357 -23.00 -34.82 5.07
N GLY A 358 -22.52 -35.21 3.89
CA GLY A 358 -23.29 -35.10 2.68
C GLY A 358 -23.08 -33.79 1.94
N TYR A 359 -21.85 -33.36 1.80
CA TYR A 359 -21.52 -32.14 1.07
C TYR A 359 -20.71 -32.48 -0.18
N SER A 360 -20.78 -31.59 -1.16
CA SER A 360 -20.06 -31.73 -2.41
C SER A 360 -18.87 -30.76 -2.43
N LEU A 361 -17.74 -31.24 -2.94
CA LEU A 361 -16.53 -30.43 -3.06
C LEU A 361 -16.05 -30.52 -4.50
N VAL A 362 -16.02 -29.37 -5.19
CA VAL A 362 -15.53 -29.36 -6.56
C VAL A 362 -14.06 -29.76 -6.56
N SER A 363 -13.64 -30.41 -7.64
CA SER A 363 -12.33 -31.07 -7.76
C SER A 363 -12.17 -32.21 -6.78
N GLY A 364 -13.28 -32.78 -6.30
CA GLY A 364 -13.24 -33.95 -5.44
C GLY A 364 -12.97 -33.65 -3.98
N GLY A 365 -11.84 -33.00 -3.70
CA GLY A 365 -11.42 -32.75 -2.33
C GLY A 365 -10.49 -31.58 -2.21
N THR A 366 -9.29 -31.79 -1.65
CA THR A 366 -8.37 -30.69 -1.40
C THR A 366 -6.95 -31.22 -1.27
N ASP A 367 -5.99 -30.47 -1.83
CA ASP A 367 -4.57 -30.75 -1.70
C ASP A 367 -3.80 -29.60 -1.08
N ASN A 368 -4.46 -28.50 -0.70
CA ASN A 368 -3.76 -27.38 -0.11
C ASN A 368 -4.43 -26.93 1.20
N HIS A 369 -4.75 -25.64 1.29
CA HIS A 369 -5.22 -25.04 2.52
C HIS A 369 -6.70 -24.69 2.52
N LEU A 370 -7.35 -24.67 1.37
CA LEU A 370 -8.74 -24.25 1.28
C LEU A 370 -9.55 -25.32 0.56
N VAL A 371 -10.78 -25.53 1.04
CA VAL A 371 -11.73 -26.43 0.42
C VAL A 371 -12.85 -25.59 -0.18
N LEU A 372 -13.38 -26.03 -1.31
CA LEU A 372 -14.49 -25.36 -1.99
C LEU A 372 -15.74 -26.23 -1.83
N VAL A 373 -16.66 -25.78 -1.00
CA VAL A 373 -17.90 -26.53 -0.76
C VAL A 373 -18.90 -26.17 -1.85
N ASP A 374 -19.53 -27.19 -2.43
CA ASP A 374 -20.60 -27.02 -3.40
C ASP A 374 -21.92 -27.26 -2.67
N LEU A 375 -22.71 -26.20 -2.52
CA LEU A 375 -23.92 -26.24 -1.70
C LEU A 375 -25.19 -26.53 -2.49
N ARG A 376 -25.17 -26.41 -3.81
CA ARG A 376 -26.39 -26.62 -4.58
C ARG A 376 -26.98 -28.03 -4.46
N PRO A 377 -26.22 -29.12 -4.22
CA PRO A 377 -26.88 -30.41 -4.03
C PRO A 377 -27.74 -30.49 -2.78
N LYS A 378 -27.55 -29.60 -1.81
CA LYS A 378 -28.32 -29.63 -0.58
C LYS A 378 -29.45 -28.61 -0.55
N GLY A 379 -29.61 -27.81 -1.60
CA GLY A 379 -30.72 -26.89 -1.70
C GLY A 379 -30.48 -25.51 -1.13
N LEU A 380 -29.23 -25.17 -0.81
CA LEU A 380 -28.89 -23.84 -0.34
C LEU A 380 -27.75 -23.30 -1.17
N ASP A 381 -27.63 -21.98 -1.20
CA ASP A 381 -26.62 -21.31 -2.00
C ASP A 381 -25.65 -20.56 -1.10
N GLY A 382 -24.50 -20.21 -1.66
CA GLY A 382 -23.46 -19.57 -0.88
C GLY A 382 -23.85 -18.21 -0.35
N ALA A 383 -24.76 -17.52 -1.04
CA ALA A 383 -25.19 -16.20 -0.59
C ALA A 383 -25.94 -16.29 0.73
N ARG A 384 -26.88 -17.23 0.84
CA ARG A 384 -27.61 -17.41 2.09
C ARG A 384 -26.70 -17.97 3.19
N ALA A 385 -25.83 -18.92 2.83
CA ALA A 385 -24.98 -19.55 3.82
C ALA A 385 -23.93 -18.58 4.37
N GLU A 386 -23.37 -17.73 3.49
CA GLU A 386 -22.39 -16.75 3.96
C GLU A 386 -23.01 -15.77 4.94
N ARG A 387 -24.26 -15.38 4.71
CA ARG A 387 -24.94 -14.48 5.64
C ARG A 387 -25.34 -15.22 6.91
N VAL A 388 -25.70 -16.49 6.80
CA VAL A 388 -26.05 -17.28 7.98
C VAL A 388 -24.84 -17.48 8.87
N LEU A 389 -23.71 -17.87 8.28
CA LEU A 389 -22.51 -18.13 9.07
C LEU A 389 -21.88 -16.85 9.60
N GLU A 390 -22.10 -15.71 8.94
CA GLU A 390 -21.53 -14.45 9.43
C GLU A 390 -22.24 -13.97 10.69
N LEU A 391 -23.57 -14.08 10.73
CA LEU A 391 -24.33 -13.68 11.91
C LEU A 391 -23.98 -14.50 13.14
N VAL A 392 -23.27 -15.62 12.97
CA VAL A 392 -22.78 -16.44 14.07
C VAL A 392 -21.30 -16.20 14.34
N SER A 393 -20.65 -15.33 13.56
CA SER A 393 -19.21 -15.07 13.64
C SER A 393 -18.40 -16.24 13.12
N ILE A 394 -18.92 -16.96 12.13
CA ILE A 394 -18.13 -17.88 11.33
C ILE A 394 -17.93 -17.23 9.97
N THR A 395 -16.85 -16.46 9.83
CA THR A 395 -16.62 -15.65 8.63
C THR A 395 -16.13 -16.54 7.48
N ALA A 396 -16.89 -16.58 6.40
CA ALA A 396 -16.50 -17.29 5.19
C ALA A 396 -16.72 -16.34 4.01
N ASN A 397 -16.83 -16.90 2.81
CA ASN A 397 -17.09 -16.10 1.63
C ASN A 397 -17.76 -16.96 0.57
N LYS A 398 -18.68 -16.35 -0.19
CA LYS A 398 -19.30 -17.04 -1.31
C LYS A 398 -18.28 -17.33 -2.40
N ASN A 399 -18.56 -18.35 -3.19
CA ASN A 399 -17.73 -18.68 -4.34
C ASN A 399 -18.58 -19.40 -5.37
N THR A 400 -18.50 -18.96 -6.62
CA THR A 400 -19.23 -19.62 -7.69
C THR A 400 -18.65 -21.01 -7.94
N CYS A 401 -19.50 -21.90 -8.43
CA CYS A 401 -19.12 -23.27 -8.72
C CYS A 401 -19.23 -23.54 -10.22
N PRO A 402 -18.44 -24.47 -10.75
CA PRO A 402 -18.52 -24.78 -12.18
C PRO A 402 -19.93 -25.19 -12.60
N GLY A 403 -20.53 -24.38 -13.45
CA GLY A 403 -21.88 -24.62 -13.94
C GLY A 403 -22.91 -23.61 -13.47
N ASP A 404 -22.55 -22.74 -12.52
CA ASP A 404 -23.50 -21.76 -12.03
C ASP A 404 -23.73 -20.66 -13.07
N ARG A 405 -24.96 -20.13 -13.08
CA ARG A 405 -25.33 -19.03 -13.95
C ARG A 405 -26.22 -18.06 -13.16
N SER A 406 -25.66 -17.51 -12.09
CA SER A 406 -26.44 -16.67 -11.17
C SER A 406 -25.71 -15.47 -10.60
N THR A 407 -24.38 -15.50 -10.48
CA THR A 407 -23.60 -14.36 -10.01
C THR A 407 -23.99 -13.93 -8.61
N ILE A 408 -25.16 -13.30 -8.47
CA ILE A 408 -25.61 -12.80 -7.18
C ILE A 408 -26.03 -13.90 -6.22
N THR A 409 -26.18 -15.12 -6.71
CA THR A 409 -26.55 -16.28 -5.89
C THR A 409 -25.59 -17.41 -6.24
N PRO A 410 -24.36 -17.36 -5.74
CA PRO A 410 -23.43 -18.47 -5.99
C PRO A 410 -23.79 -19.67 -5.14
N GLY A 411 -23.46 -20.85 -5.67
CA GLY A 411 -23.83 -22.08 -5.00
C GLY A 411 -22.69 -22.76 -4.26
N GLY A 412 -21.82 -21.97 -3.63
CA GLY A 412 -20.70 -22.55 -2.91
C GLY A 412 -20.05 -21.57 -1.97
N LEU A 413 -19.08 -22.07 -1.20
CA LEU A 413 -18.29 -21.25 -0.30
C LEU A 413 -16.85 -21.72 -0.30
N ARG A 414 -15.93 -20.78 -0.08
CA ARG A 414 -14.51 -21.05 0.03
C ARG A 414 -14.12 -20.98 1.50
N LEU A 415 -13.75 -22.12 2.08
CA LEU A 415 -13.40 -22.21 3.48
C LEU A 415 -11.89 -22.43 3.62
N GLY A 416 -11.24 -21.57 4.41
CA GLY A 416 -9.81 -21.65 4.62
C GLY A 416 -9.44 -22.25 5.96
N ALA A 417 -8.21 -22.75 6.04
CA ALA A 417 -7.67 -23.38 7.22
C ALA A 417 -6.56 -22.58 7.92
N PRO A 418 -5.65 -21.89 7.21
CA PRO A 418 -4.49 -21.30 7.90
C PRO A 418 -4.85 -20.25 8.94
N ALA A 419 -6.07 -19.69 8.91
CA ALA A 419 -6.44 -18.70 9.91
C ALA A 419 -6.56 -19.33 11.29
N LEU A 420 -7.45 -20.33 11.42
CA LEU A 420 -7.64 -20.99 12.71
C LEU A 420 -6.46 -21.90 13.05
N THR A 421 -5.79 -22.45 12.05
CA THR A 421 -4.66 -23.35 12.31
C THR A 421 -3.53 -22.61 13.04
N SER A 422 -3.40 -21.30 12.81
CA SER A 422 -2.43 -20.52 13.57
C SER A 422 -2.85 -20.34 15.02
N ARG A 423 -4.14 -20.51 15.31
CA ARG A 423 -4.65 -20.47 16.68
C ARG A 423 -4.52 -21.82 17.38
N GLN A 424 -3.58 -22.66 16.95
CA GLN A 424 -3.34 -23.99 17.51
C GLN A 424 -4.54 -24.92 17.32
N PHE A 425 -5.34 -24.66 16.29
CA PHE A 425 -6.37 -25.60 15.89
C PHE A 425 -5.75 -26.87 15.32
N ARG A 426 -6.43 -27.99 15.53
CA ARG A 426 -5.99 -29.25 14.96
C ARG A 426 -7.16 -29.99 14.31
N GLU A 427 -6.94 -31.24 13.89
CA GLU A 427 -7.92 -31.94 13.08
C GLU A 427 -9.26 -32.05 13.79
N ASP A 428 -9.26 -32.52 15.04
CA ASP A 428 -10.51 -32.67 15.76
C ASP A 428 -11.21 -31.33 15.98
N ASP A 429 -10.46 -30.24 16.07
CA ASP A 429 -11.07 -28.93 16.21
C ASP A 429 -11.77 -28.50 14.93
N PHE A 430 -11.15 -28.77 13.77
CA PHE A 430 -11.78 -28.43 12.50
C PHE A 430 -12.99 -29.31 12.23
N ARG A 431 -12.97 -30.56 12.72
CA ARG A 431 -14.15 -31.41 12.59
C ARG A 431 -15.35 -30.81 13.32
N ARG A 432 -15.10 -30.14 14.45
CA ARG A 432 -16.17 -29.45 15.15
C ARG A 432 -16.53 -28.14 14.47
N VAL A 433 -15.59 -27.52 13.75
CA VAL A 433 -15.91 -26.34 12.96
C VAL A 433 -16.96 -26.67 11.92
N VAL A 434 -16.83 -27.82 11.26
CA VAL A 434 -17.80 -28.23 10.26
C VAL A 434 -19.13 -28.60 10.89
N ASP A 435 -19.10 -29.16 12.12
CA ASP A 435 -20.34 -29.45 12.81
C ASP A 435 -21.15 -28.18 13.04
N PHE A 436 -20.48 -27.07 13.37
CA PHE A 436 -21.17 -25.79 13.46
C PHE A 436 -21.60 -25.28 12.09
N ILE A 437 -20.84 -25.62 11.04
CA ILE A 437 -21.25 -25.23 9.69
C ILE A 437 -22.56 -25.90 9.32
N ASP A 438 -22.65 -27.21 9.52
CA ASP A 438 -23.84 -27.96 9.13
C ASP A 438 -25.07 -27.44 9.89
N GLU A 439 -24.94 -27.25 11.20
CA GLU A 439 -26.06 -26.73 11.97
C GLU A 439 -26.40 -25.29 11.57
N GLY A 440 -25.47 -24.58 10.96
CA GLY A 440 -25.77 -23.28 10.39
C GLY A 440 -26.45 -23.39 9.04
N VAL A 441 -25.95 -24.32 8.21
CA VAL A 441 -26.60 -24.57 6.91
C VAL A 441 -28.01 -25.09 7.12
N ASN A 442 -28.20 -25.98 8.10
CA ASN A 442 -29.53 -26.52 8.37
C ASN A 442 -30.50 -25.42 8.80
N ILE A 443 -30.00 -24.37 9.45
CA ILE A 443 -30.85 -23.23 9.79
C ILE A 443 -31.27 -22.49 8.53
N GLY A 444 -30.29 -22.08 7.71
CA GLY A 444 -30.58 -21.39 6.48
C GLY A 444 -31.43 -22.19 5.51
N LEU A 445 -31.45 -23.52 5.66
CA LEU A 445 -32.30 -24.34 4.81
C LEU A 445 -33.77 -24.12 5.12
N GLU A 446 -34.13 -24.15 6.41
CA GLU A 446 -35.53 -23.97 6.78
C GLU A 446 -35.97 -22.51 6.65
N VAL A 447 -35.05 -21.55 6.69
CA VAL A 447 -35.41 -20.16 6.46
C VAL A 447 -35.76 -19.94 4.99
N LYS A 448 -35.02 -20.58 4.09
CA LYS A 448 -35.32 -20.47 2.67
C LYS A 448 -36.69 -21.03 2.33
N SER A 449 -37.26 -21.89 3.18
CA SER A 449 -38.61 -22.38 2.97
C SER A 449 -39.66 -21.35 3.40
N LYS A 450 -39.31 -20.46 4.34
CA LYS A 450 -40.21 -19.43 4.80
C LYS A 450 -40.02 -18.10 4.07
N THR A 451 -39.11 -18.04 3.11
CA THR A 451 -38.78 -16.79 2.43
C THR A 451 -38.57 -17.07 0.95
N ALA A 452 -38.45 -16.00 0.17
CA ALA A 452 -38.32 -16.13 -1.28
C ALA A 452 -37.01 -15.49 -1.78
N LYS A 453 -37.06 -14.19 -2.08
CA LYS A 453 -35.90 -13.51 -2.63
C LYS A 453 -34.78 -13.42 -1.59
N LEU A 454 -33.58 -13.10 -2.07
CA LEU A 454 -32.43 -12.98 -1.18
C LEU A 454 -32.57 -11.77 -0.26
N GLN A 455 -33.14 -10.67 -0.77
CA GLN A 455 -33.40 -9.52 0.09
C GLN A 455 -34.42 -9.86 1.16
N ASP A 456 -35.35 -10.77 0.87
CA ASP A 456 -36.27 -11.26 1.89
C ASP A 456 -35.56 -12.13 2.91
N PHE A 457 -34.48 -12.79 2.51
CA PHE A 457 -33.80 -13.75 3.38
C PHE A 457 -33.04 -13.03 4.48
N LYS A 458 -32.24 -12.02 4.12
CA LYS A 458 -31.47 -11.29 5.11
C LYS A 458 -32.34 -10.48 6.07
N SER A 459 -33.59 -10.18 5.67
CA SER A 459 -34.51 -9.49 6.55
C SER A 459 -35.24 -10.43 7.50
N PHE A 460 -35.29 -11.73 7.16
CA PHE A 460 -35.97 -12.70 8.02
C PHE A 460 -35.05 -13.20 9.13
N LEU A 461 -33.74 -13.22 8.91
CA LEU A 461 -32.81 -13.67 9.95
C LEU A 461 -32.73 -12.70 11.11
N LEU A 462 -33.16 -11.45 10.93
CA LEU A 462 -33.11 -10.45 11.99
C LEU A 462 -34.47 -10.13 12.58
N LYS A 463 -35.56 -10.38 11.86
CA LYS A 463 -36.90 -10.05 12.33
C LYS A 463 -37.51 -11.20 13.13
N ASP A 464 -37.61 -12.39 12.52
CA ASP A 464 -38.20 -13.54 13.16
C ASP A 464 -37.42 -13.94 14.41
N SER A 465 -37.99 -13.65 15.58
CA SER A 465 -37.30 -13.97 16.84
C SER A 465 -37.18 -15.47 17.06
N GLU A 466 -38.04 -16.27 16.43
CA GLU A 466 -37.91 -17.73 16.55
C GLU A 466 -36.63 -18.23 15.89
N THR A 467 -36.25 -17.62 14.77
CA THR A 467 -34.95 -17.91 14.16
C THR A 467 -33.85 -17.03 14.71
N SER A 468 -34.18 -15.81 15.15
CA SER A 468 -33.17 -14.94 15.74
C SER A 468 -32.63 -15.53 17.05
N GLN A 469 -33.46 -16.27 17.78
CA GLN A 469 -32.98 -16.95 18.97
C GLN A 469 -32.21 -18.21 18.62
N ARG A 470 -32.64 -18.93 17.57
CA ARG A 470 -31.91 -20.11 17.14
C ARG A 470 -30.52 -19.77 16.63
N LEU A 471 -30.37 -18.60 16.01
CA LEU A 471 -29.04 -18.17 15.58
C LEU A 471 -28.20 -17.71 16.76
N ALA A 472 -28.84 -17.09 17.76
CA ALA A 472 -28.10 -16.62 18.93
C ALA A 472 -27.52 -17.79 19.74
N ASN A 473 -28.14 -18.97 19.64
CA ASN A 473 -27.65 -20.11 20.40
C ASN A 473 -26.35 -20.65 19.79
N LEU A 474 -26.29 -20.80 18.47
CA LEU A 474 -25.05 -21.26 17.86
C LEU A 474 -23.97 -20.20 17.92
N ARG A 475 -24.36 -18.92 17.96
CA ARG A 475 -23.37 -17.85 18.10
C ARG A 475 -22.64 -17.97 19.44
N GLN A 476 -23.39 -18.13 20.53
CA GLN A 476 -22.76 -18.33 21.82
C GLN A 476 -21.95 -19.63 21.83
N ARG A 477 -22.48 -20.68 21.21
CA ARG A 477 -21.79 -21.96 21.19
C ARG A 477 -20.58 -21.95 20.26
N VAL A 478 -20.52 -21.00 19.33
CA VAL A 478 -19.33 -20.86 18.48
C VAL A 478 -18.30 -19.93 19.13
N GLU A 479 -18.76 -18.83 19.71
CA GLU A 479 -17.84 -17.88 20.33
C GLU A 479 -17.16 -18.46 21.56
N GLN A 480 -17.86 -19.31 22.32
CA GLN A 480 -17.24 -19.95 23.47
C GLN A 480 -16.20 -20.98 23.04
N PHE A 481 -16.43 -21.65 21.92
CA PHE A 481 -15.46 -22.61 21.40
C PHE A 481 -14.23 -21.90 20.83
N ALA A 482 -14.41 -20.68 20.31
CA ALA A 482 -13.32 -19.95 19.68
C ALA A 482 -12.46 -19.18 20.68
N ARG A 483 -13.04 -18.65 21.75
CA ARG A 483 -12.26 -17.85 22.69
C ARG A 483 -11.21 -18.69 23.42
N ALA A 484 -11.45 -20.00 23.56
CA ALA A 484 -10.53 -20.85 24.30
C ALA A 484 -9.19 -21.00 23.59
N PHE A 485 -9.12 -20.74 22.29
CA PHE A 485 -7.86 -20.91 21.57
C PHE A 485 -7.02 -19.64 21.65
N PRO A 486 -5.71 -19.78 21.74
CA PRO A 486 -4.84 -18.59 21.76
C PRO A 486 -4.93 -17.83 20.45
N MET A 487 -4.51 -16.56 20.50
CA MET A 487 -4.59 -15.68 19.34
C MET A 487 -3.26 -14.97 19.18
N PRO A 488 -2.59 -15.11 18.04
CA PRO A 488 -1.33 -14.40 17.81
C PRO A 488 -1.51 -12.89 17.83
N GLY A 489 -0.41 -12.19 18.07
CA GLY A 489 -0.43 -10.75 18.13
C GLY A 489 -0.53 -10.23 19.55
N PHE A 490 -0.91 -8.96 19.65
CA PHE A 490 -1.15 -8.36 20.95
C PHE A 490 -2.39 -8.96 21.61
N ASP A 491 -2.39 -8.99 22.94
CA ASP A 491 -3.57 -9.44 23.66
C ASP A 491 -4.58 -8.32 23.90
N GLU A 492 -4.25 -7.10 23.53
CA GLU A 492 -5.09 -5.93 23.79
C GLU A 492 -5.60 -5.25 22.53
N HIS A 493 -4.81 -5.22 21.46
CA HIS A 493 -5.20 -4.48 20.26
C HIS A 493 -4.65 -5.11 18.98
N TRP B 32 5.43 -22.12 20.29
CA TRP B 32 5.23 -20.86 19.59
C TRP B 32 3.76 -20.49 19.54
N THR B 33 3.45 -19.25 19.93
CA THR B 33 2.08 -18.76 19.96
C THR B 33 1.86 -17.50 19.13
N GLY B 34 2.91 -16.78 18.76
CA GLY B 34 2.77 -15.55 18.03
C GLY B 34 2.63 -14.30 18.88
N GLN B 35 2.73 -14.43 20.20
CA GLN B 35 2.59 -13.29 21.10
C GLN B 35 3.92 -12.85 21.71
N GLU B 36 5.03 -13.45 21.28
CA GLU B 36 6.34 -13.08 21.78
C GLU B 36 6.73 -11.69 21.29
N SER B 37 7.53 -10.99 22.10
CA SER B 37 7.97 -9.66 21.72
C SER B 37 8.98 -9.73 20.58
N LEU B 38 9.12 -8.62 19.86
CA LEU B 38 10.09 -8.55 18.79
C LEU B 38 11.52 -8.66 19.32
N SER B 39 11.77 -8.12 20.51
CA SER B 39 13.12 -8.13 21.06
C SER B 39 13.58 -9.54 21.43
N ASP B 40 12.64 -10.44 21.72
CA ASP B 40 12.97 -11.82 22.06
C ASP B 40 12.91 -12.76 20.86
N SER B 41 12.02 -12.50 19.90
CA SER B 41 11.87 -13.39 18.75
C SER B 41 12.91 -13.11 17.68
N ASP B 42 13.06 -11.85 17.30
CA ASP B 42 14.00 -11.42 16.27
C ASP B 42 14.96 -10.41 16.89
N PRO B 43 15.93 -10.86 17.69
CA PRO B 43 16.88 -9.92 18.30
C PRO B 43 17.63 -9.09 17.28
N GLU B 44 17.77 -9.58 16.06
CA GLU B 44 18.28 -8.75 14.97
C GLU B 44 17.36 -7.56 14.79
N MET B 45 16.27 -7.72 14.04
CA MET B 45 15.36 -6.64 13.67
C MET B 45 15.06 -5.66 14.79
N TRP B 46 15.15 -6.12 16.04
CA TRP B 46 14.97 -5.23 17.17
C TRP B 46 16.07 -4.18 17.23
N GLU B 47 17.33 -4.62 17.14
CA GLU B 47 18.45 -3.68 17.18
C GLU B 47 18.46 -2.78 15.95
N LEU B 48 18.19 -3.35 14.77
CA LEU B 48 18.29 -2.57 13.53
C LEU B 48 17.24 -1.47 13.47
N LEU B 49 16.09 -1.69 14.10
CA LEU B 49 15.09 -0.63 14.13
C LEU B 49 15.43 0.42 15.19
N GLN B 50 15.93 -0.03 16.35
CA GLN B 50 16.36 0.92 17.37
C GLN B 50 17.46 1.83 16.85
N ARG B 51 18.20 1.37 15.84
CA ARG B 51 19.15 2.25 15.16
C ARG B 51 18.45 3.27 14.28
N GLU B 52 17.23 2.95 13.80
CA GLU B 52 16.47 3.92 13.03
C GLU B 52 15.90 5.02 13.93
N LYS B 53 15.26 4.64 15.04
CA LYS B 53 14.77 5.64 15.98
C LYS B 53 15.92 6.46 16.56
N ASP B 54 17.06 5.82 16.81
CA ASP B 54 18.25 6.56 17.22
C ASP B 54 18.63 7.60 16.18
N ARG B 55 18.62 7.22 14.89
CA ARG B 55 18.97 8.17 13.84
C ARG B 55 17.93 9.28 13.73
N GLN B 56 16.64 8.94 13.92
CA GLN B 56 15.61 9.97 13.90
C GLN B 56 15.72 10.91 15.09
N CYS B 57 16.35 10.47 16.18
CA CYS B 57 16.59 11.33 17.34
C CYS B 57 17.98 11.98 17.30
N ARG B 58 18.98 11.26 16.78
CA ARG B 58 20.33 11.79 16.72
C ARG B 58 20.45 12.95 15.73
N GLY B 59 19.53 13.06 14.77
CA GLY B 59 19.69 14.00 13.68
C GLY B 59 18.46 14.86 13.51
N LEU B 60 18.67 15.98 12.81
CA LEU B 60 17.61 16.92 12.47
C LEU B 60 17.15 16.60 11.05
N GLU B 61 15.95 16.02 10.93
CA GLU B 61 15.39 15.68 9.64
C GLU B 61 14.76 16.93 9.03
N LEU B 62 15.20 17.30 7.84
CA LEU B 62 14.61 18.41 7.09
C LEU B 62 14.46 18.01 5.63
N ILE B 63 13.63 17.01 5.39
CA ILE B 63 13.06 16.70 4.08
C ILE B 63 11.58 17.06 4.16
N ALA B 64 11.15 17.97 3.29
CA ALA B 64 9.80 18.53 3.39
C ALA B 64 8.71 17.48 3.38
N SER B 65 9.00 16.28 2.86
CA SER B 65 8.01 15.21 2.81
C SER B 65 7.98 14.37 4.08
N GLU B 66 9.07 14.34 4.84
CA GLU B 66 9.16 13.48 6.01
C GLU B 66 8.42 14.11 7.20
N ASN B 67 8.07 13.25 8.15
CA ASN B 67 7.42 13.66 9.39
C ASN B 67 7.62 12.56 10.42
N PHE B 68 7.35 12.90 11.67
CA PHE B 68 7.46 11.96 12.80
C PHE B 68 6.06 11.71 13.32
N CYS B 69 5.49 10.54 13.00
CA CYS B 69 4.10 10.28 13.33
C CYS B 69 3.94 10.07 14.83
N SER B 70 2.70 10.24 15.28
CA SER B 70 2.37 10.15 16.69
C SER B 70 2.31 8.69 17.15
N ARG B 71 2.52 8.49 18.44
CA ARG B 71 2.47 7.16 19.02
C ARG B 71 1.08 6.55 18.89
N ALA B 72 0.03 7.37 18.98
CA ALA B 72 -1.32 6.86 18.93
C ALA B 72 -1.67 6.29 17.56
N ALA B 73 -1.20 6.95 16.50
CA ALA B 73 -1.54 6.48 15.15
C ALA B 73 -0.81 5.18 14.81
N LEU B 74 0.44 5.04 15.24
CA LEU B 74 1.22 3.85 14.92
C LEU B 74 0.72 2.62 15.69
N GLU B 75 0.10 2.82 16.85
CA GLU B 75 -0.53 1.71 17.55
C GLU B 75 -1.68 1.14 16.74
N ALA B 76 -2.40 2.01 16.02
CA ALA B 76 -3.39 1.55 15.06
C ALA B 76 -2.77 1.03 13.78
N LEU B 77 -1.53 1.45 13.46
CA LEU B 77 -0.85 0.91 12.30
C LEU B 77 -0.35 -0.51 12.57
N GLY B 78 0.13 -0.76 13.79
CA GLY B 78 0.49 -2.11 14.20
C GLY B 78 -0.64 -2.77 14.94
N SER B 79 -1.83 -2.75 14.34
CA SER B 79 -3.03 -3.28 14.95
C SER B 79 -3.33 -4.68 14.46
N CYS B 80 -4.42 -5.25 14.97
CA CYS B 80 -4.95 -6.50 14.46
C CYS B 80 -5.78 -6.31 13.20
N LEU B 81 -6.03 -5.06 12.79
CA LEU B 81 -6.74 -4.80 11.55
C LEU B 81 -5.92 -5.17 10.32
N ASN B 82 -4.61 -5.37 10.49
CA ASN B 82 -3.80 -5.94 9.42
C ASN B 82 -4.31 -7.30 8.99
N ASN B 83 -5.02 -8.00 9.89
CA ASN B 83 -5.48 -9.36 9.61
C ASN B 83 -6.77 -9.41 8.83
N LYS B 84 -7.53 -8.31 8.77
CA LYS B 84 -8.87 -8.33 8.18
C LYS B 84 -8.81 -8.05 6.68
N TYR B 85 -9.49 -8.89 5.91
CA TYR B 85 -9.70 -8.68 4.48
C TYR B 85 -11.08 -8.04 4.31
N SER B 86 -11.10 -6.79 3.86
CA SER B 86 -12.35 -6.04 3.71
C SER B 86 -12.47 -5.47 2.31
N GLU B 87 -12.36 -6.34 1.31
CA GLU B 87 -12.49 -5.90 -0.08
C GLU B 87 -13.91 -5.40 -0.32
N GLY B 88 -14.01 -4.15 -0.76
CA GLY B 88 -15.30 -3.53 -0.96
C GLY B 88 -15.38 -2.14 -0.35
N TYR B 89 -16.57 -1.74 0.05
CA TYR B 89 -16.79 -0.42 0.64
C TYR B 89 -17.89 -0.54 1.69
N PRO B 90 -17.98 0.41 2.62
CA PRO B 90 -19.07 0.38 3.62
C PRO B 90 -20.45 0.23 2.97
N GLY B 91 -21.12 -0.88 3.28
CA GLY B 91 -22.39 -1.18 2.67
C GLY B 91 -22.30 -2.31 1.66
N LYS B 92 -21.48 -2.12 0.64
CA LYS B 92 -21.28 -3.13 -0.42
C LYS B 92 -19.90 -3.76 -0.20
N ARG B 93 -19.89 -4.96 0.38
CA ARG B 93 -18.67 -5.72 0.57
C ARG B 93 -18.89 -7.14 0.08
N TYR B 94 -17.83 -7.75 -0.43
CA TYR B 94 -17.91 -9.08 -1.00
C TYR B 94 -17.70 -10.18 0.02
N TYR B 95 -17.37 -9.83 1.26
CA TYR B 95 -17.15 -10.81 2.32
C TYR B 95 -18.15 -10.64 3.45
N GLY B 96 -17.80 -11.15 4.62
CA GLY B 96 -18.55 -10.91 5.84
C GLY B 96 -17.61 -10.60 6.98
N GLY B 97 -18.12 -10.57 8.21
CA GLY B 97 -17.29 -10.28 9.36
C GLY B 97 -16.61 -8.94 9.30
N ALA B 98 -17.18 -7.97 8.60
CA ALA B 98 -16.60 -6.65 8.44
C ALA B 98 -17.33 -5.59 9.25
N GLU B 99 -18.02 -5.99 10.33
CA GLU B 99 -18.83 -5.06 11.09
C GLU B 99 -17.99 -3.92 11.67
N VAL B 100 -16.81 -4.25 12.21
CA VAL B 100 -15.99 -3.22 12.84
C VAL B 100 -15.28 -2.37 11.80
N VAL B 101 -14.66 -2.99 10.80
CA VAL B 101 -13.91 -2.22 9.81
C VAL B 101 -14.82 -1.31 9.00
N ASP B 102 -16.10 -1.65 8.88
CA ASP B 102 -17.04 -0.76 8.20
C ASP B 102 -17.15 0.57 8.93
N GLU B 103 -17.29 0.53 10.26
CA GLU B 103 -17.40 1.77 11.02
C GLU B 103 -16.06 2.50 11.12
N ILE B 104 -14.95 1.76 11.09
CA ILE B 104 -13.64 2.42 11.08
C ILE B 104 -13.40 3.15 9.77
N GLU B 105 -13.95 2.63 8.66
CA GLU B 105 -13.81 3.32 7.39
C GLU B 105 -14.71 4.54 7.33
N LEU B 106 -15.98 4.38 7.70
CA LEU B 106 -16.90 5.52 7.72
C LEU B 106 -16.44 6.59 8.71
N LEU B 107 -15.77 6.17 9.79
CA LEU B 107 -15.19 7.15 10.72
C LEU B 107 -14.07 7.93 10.06
N CYS B 108 -13.22 7.24 9.29
CA CYS B 108 -12.11 7.92 8.62
C CYS B 108 -12.60 8.84 7.51
N GLN B 109 -13.68 8.47 6.82
CA GLN B 109 -14.25 9.34 5.80
C GLN B 109 -14.83 10.60 6.43
N ARG B 110 -15.54 10.46 7.55
CA ARG B 110 -16.11 11.62 8.21
C ARG B 110 -15.03 12.49 8.84
N ARG B 111 -13.97 11.87 9.36
CA ARG B 111 -12.87 12.64 9.92
C ARG B 111 -12.06 13.34 8.84
N ALA B 112 -12.03 12.77 7.63
CA ALA B 112 -11.32 13.42 6.53
C ALA B 112 -12.10 14.60 5.97
N LEU B 113 -13.43 14.45 5.86
CA LEU B 113 -14.26 15.56 5.39
C LEU B 113 -14.24 16.71 6.38
N GLU B 114 -14.24 16.41 7.68
CA GLU B 114 -14.24 17.47 8.69
C GLU B 114 -12.88 18.16 8.77
N ALA B 115 -11.79 17.39 8.59
CA ALA B 115 -10.46 17.96 8.69
C ALA B 115 -10.19 19.04 7.66
N PHE B 116 -10.90 19.01 6.53
CA PHE B 116 -10.77 20.04 5.50
C PHE B 116 -12.04 20.85 5.33
N ASP B 117 -13.01 20.69 6.23
CA ASP B 117 -14.26 21.45 6.25
C ASP B 117 -14.99 21.32 4.91
N LEU B 118 -15.54 20.13 4.71
CA LEU B 118 -16.28 19.80 3.50
C LEU B 118 -17.66 19.29 3.88
N ASP B 119 -18.68 19.76 3.16
CA ASP B 119 -20.03 19.28 3.40
C ASP B 119 -20.15 17.83 2.92
N PRO B 120 -20.69 16.92 3.74
CA PRO B 120 -20.79 15.53 3.31
C PRO B 120 -21.65 15.32 2.07
N ALA B 121 -22.62 16.20 1.82
CA ALA B 121 -23.43 16.09 0.63
C ALA B 121 -22.74 16.65 -0.61
N GLN B 122 -21.75 17.52 -0.43
CA GLN B 122 -21.01 18.10 -1.54
C GLN B 122 -19.68 17.42 -1.81
N TRP B 123 -19.22 16.56 -0.90
CA TRP B 123 -17.90 15.96 -1.04
C TRP B 123 -17.92 14.55 -0.45
N GLY B 124 -17.22 13.63 -1.12
CA GLY B 124 -16.95 12.33 -0.58
C GLY B 124 -15.48 12.02 -0.67
N VAL B 125 -15.05 11.04 0.12
CA VAL B 125 -13.64 10.67 0.21
C VAL B 125 -13.52 9.15 0.23
N ASN B 126 -12.57 8.64 -0.54
CA ASN B 126 -12.14 7.25 -0.48
C ASN B 126 -10.84 7.18 0.29
N VAL B 127 -10.79 6.32 1.32
CA VAL B 127 -9.66 6.28 2.23
C VAL B 127 -8.83 5.00 2.03
N GLN B 128 -8.98 4.34 0.90
CA GLN B 128 -8.31 3.06 0.68
C GLN B 128 -6.98 3.07 -0.10
N PRO B 129 -6.54 4.15 -0.74
CA PRO B 129 -5.28 4.07 -1.50
C PRO B 129 -4.10 3.71 -0.60
N TYR B 130 -3.22 2.86 -1.13
CA TYR B 130 -2.08 2.37 -0.36
C TYR B 130 -1.09 3.48 -0.04
N SER B 131 -0.93 4.44 -0.94
CA SER B 131 -0.02 5.56 -0.74
C SER B 131 -0.45 6.70 -1.64
N GLY B 132 0.41 7.70 -1.79
CA GLY B 132 0.11 8.86 -2.60
C GLY B 132 0.15 8.57 -4.10
N SER B 133 1.16 7.82 -4.53
CA SER B 133 1.25 7.45 -5.94
C SER B 133 0.06 6.60 -6.40
N PRO B 134 -0.34 5.54 -5.70
CA PRO B 134 -1.55 4.80 -6.15
C PRO B 134 -2.81 5.64 -6.12
N ALA B 135 -2.91 6.61 -5.20
CA ALA B 135 -4.09 7.46 -5.15
C ALA B 135 -4.23 8.29 -6.43
N ASN B 136 -3.10 8.76 -6.97
CA ASN B 136 -3.16 9.56 -8.18
C ASN B 136 -3.47 8.71 -9.40
N LEU B 137 -2.86 7.53 -9.50
CA LEU B 137 -3.15 6.63 -10.62
C LEU B 137 -4.61 6.22 -10.64
N ALA B 138 -5.25 6.12 -9.46
CA ALA B 138 -6.66 5.78 -9.41
C ALA B 138 -7.52 6.86 -10.04
N VAL B 139 -7.16 8.13 -9.82
CA VAL B 139 -7.91 9.23 -10.42
C VAL B 139 -7.73 9.24 -11.94
N TYR B 140 -6.57 8.83 -12.43
CA TYR B 140 -6.37 8.76 -13.87
C TYR B 140 -7.22 7.65 -14.50
N THR B 141 -7.18 6.45 -13.91
CA THR B 141 -7.97 5.34 -14.43
C THR B 141 -9.47 5.66 -14.40
N ALA B 142 -9.91 6.38 -13.38
CA ALA B 142 -11.35 6.61 -13.21
C ALA B 142 -11.88 7.58 -14.26
N LEU B 143 -11.22 8.71 -14.45
CA LEU B 143 -11.76 9.78 -15.28
C LEU B 143 -11.23 9.76 -16.70
N LEU B 144 -10.15 9.04 -16.97
CA LEU B 144 -9.52 9.05 -18.28
C LEU B 144 -9.46 7.64 -18.86
N GLN B 145 -9.55 7.58 -20.18
CA GLN B 145 -9.32 6.34 -20.91
C GLN B 145 -7.82 6.18 -21.16
N PRO B 146 -7.36 4.95 -21.45
CA PRO B 146 -5.93 4.75 -21.71
C PRO B 146 -5.44 5.64 -22.84
N HIS B 147 -4.20 6.13 -22.68
CA HIS B 147 -3.52 7.03 -23.61
C HIS B 147 -4.18 8.40 -23.71
N ASP B 148 -5.15 8.71 -22.86
CA ASP B 148 -5.68 10.06 -22.86
C ASP B 148 -4.68 11.00 -22.20
N ARG B 149 -4.98 12.30 -22.26
CA ARG B 149 -3.98 13.34 -22.15
C ARG B 149 -4.10 14.10 -20.83
N ILE B 150 -2.99 14.16 -20.09
CA ILE B 150 -2.91 14.90 -18.83
C ILE B 150 -1.76 15.89 -18.91
N MET B 151 -1.76 16.84 -17.99
CA MET B 151 -0.74 17.90 -17.95
C MET B 151 -0.38 18.21 -16.50
N GLY B 152 0.91 18.14 -16.19
CA GLY B 152 1.39 18.51 -14.87
C GLY B 152 2.74 19.17 -14.97
N LEU B 153 3.10 19.89 -13.90
CA LEU B 153 4.40 20.52 -13.84
C LEU B 153 5.50 19.47 -13.76
N ASP B 154 6.62 19.74 -14.42
CA ASP B 154 7.66 18.73 -14.59
C ASP B 154 8.38 18.45 -13.28
N LEU B 155 8.88 17.22 -13.15
CA LEU B 155 9.67 16.85 -11.98
C LEU B 155 10.93 17.69 -11.84
N PRO B 156 11.74 17.91 -12.89
CA PRO B 156 12.87 18.83 -12.75
C PRO B 156 12.47 20.28 -12.55
N ASP B 157 11.18 20.60 -12.59
CA ASP B 157 10.68 21.96 -12.34
C ASP B 157 9.91 22.05 -11.03
N GLY B 158 10.04 21.05 -10.17
CA GLY B 158 9.33 21.02 -8.92
C GLY B 158 8.11 20.14 -8.88
N GLY B 159 8.11 19.03 -9.61
CA GLY B 159 6.99 18.11 -9.60
C GLY B 159 7.36 16.74 -9.09
N HIS B 160 6.44 15.79 -9.19
CA HIS B 160 6.66 14.41 -8.81
C HIS B 160 6.41 13.51 -10.02
N LEU B 161 6.88 12.27 -9.92
CA LEU B 161 6.76 11.34 -11.04
C LEU B 161 5.31 11.06 -11.39
N THR B 162 4.42 11.03 -10.40
CA THR B 162 3.03 10.67 -10.63
C THR B 162 2.26 11.73 -11.42
N HIS B 163 2.87 12.86 -11.74
CA HIS B 163 2.21 13.90 -12.51
C HIS B 163 2.44 13.79 -14.01
N GLY B 164 3.14 12.76 -14.46
CA GLY B 164 3.37 12.56 -15.88
C GLY B 164 4.75 13.00 -16.34
N TYR B 165 5.79 12.35 -15.82
CA TYR B 165 7.16 12.67 -16.15
C TYR B 165 7.74 11.60 -17.06
N MET B 166 8.29 12.02 -18.20
CA MET B 166 9.06 11.14 -19.06
C MET B 166 10.41 11.78 -19.34
N SER B 167 11.44 10.95 -19.49
CA SER B 167 12.82 11.41 -19.56
C SER B 167 13.26 11.79 -20.96
N ASP B 168 12.31 11.98 -21.90
CA ASP B 168 12.60 12.35 -23.28
C ASP B 168 13.36 11.26 -24.02
N VAL B 169 14.02 10.37 -23.28
CA VAL B 169 14.61 9.16 -23.86
C VAL B 169 13.93 7.90 -23.38
N LYS B 170 13.10 7.98 -22.33
CA LYS B 170 12.35 6.84 -21.83
C LYS B 170 11.16 7.37 -21.05
N ARG B 171 10.09 6.59 -21.03
CA ARG B 171 8.89 6.91 -20.26
C ARG B 171 9.06 6.31 -18.87
N ILE B 172 9.37 7.15 -17.89
CA ILE B 172 9.71 6.71 -16.54
C ILE B 172 8.48 6.22 -15.81
N SER B 173 7.66 7.16 -15.32
CA SER B 173 6.51 6.81 -14.51
C SER B 173 5.41 6.19 -15.35
N ALA B 174 4.61 5.33 -14.71
CA ALA B 174 3.47 4.73 -15.39
C ALA B 174 2.40 5.76 -15.75
N THR B 175 2.44 6.94 -15.11
CA THR B 175 1.59 8.04 -15.55
C THR B 175 1.84 8.41 -17.00
N SER B 176 3.07 8.20 -17.48
CA SER B 176 3.45 8.51 -18.85
C SER B 176 3.35 7.31 -19.79
N ILE B 177 3.25 6.10 -19.25
CA ILE B 177 3.15 4.91 -20.09
C ILE B 177 1.71 4.61 -20.49
N PHE B 178 0.77 4.80 -19.56
CA PHE B 178 -0.64 4.55 -19.81
C PHE B 178 -1.42 5.79 -20.18
N PHE B 179 -0.82 6.97 -20.01
CA PHE B 179 -1.46 8.23 -20.37
C PHE B 179 -0.41 9.13 -20.99
N GLU B 180 -0.77 9.79 -22.10
CA GLU B 180 0.15 10.69 -22.79
C GLU B 180 0.17 12.03 -22.08
N SER B 181 1.27 12.32 -21.38
CA SER B 181 1.38 13.53 -20.57
C SER B 181 2.33 14.52 -21.22
N MET B 182 2.00 15.80 -21.09
CA MET B 182 2.86 16.89 -21.57
C MET B 182 3.36 17.68 -20.38
N PRO B 183 4.68 17.76 -20.17
CA PRO B 183 5.19 18.47 -18.99
C PRO B 183 5.05 19.98 -19.13
N TYR B 184 4.52 20.62 -18.10
CA TYR B 184 4.46 22.06 -18.01
C TYR B 184 5.62 22.57 -17.16
N LYS B 185 6.05 23.81 -17.45
CA LYS B 185 7.20 24.38 -16.76
C LYS B 185 6.94 25.80 -16.29
N ASN B 187 8.61 29.32 -16.02
CA ASN B 187 9.29 30.59 -16.19
C ASN B 187 10.46 30.70 -15.21
N PRO B 188 11.69 30.56 -15.72
CA PRO B 188 12.86 30.54 -14.82
C PRO B 188 13.20 31.90 -14.23
N LYS B 189 12.70 33.00 -14.81
CA LYS B 189 13.03 34.32 -14.29
C LYS B 189 12.27 34.62 -13.00
N THR B 190 10.95 34.47 -13.03
CA THR B 190 10.13 34.78 -11.85
C THR B 190 10.37 33.80 -10.70
N GLY B 191 11.01 32.67 -10.97
CA GLY B 191 11.15 31.64 -9.96
C GLY B 191 9.91 30.77 -9.88
N LEU B 192 8.76 31.37 -10.13
CA LEU B 192 7.50 30.66 -10.20
C LEU B 192 7.48 29.77 -11.45
N ILE B 193 6.38 29.04 -11.62
CA ILE B 193 6.16 28.37 -12.88
C ILE B 193 5.67 29.38 -13.92
N ASP B 194 5.54 28.93 -15.16
CA ASP B 194 4.96 29.77 -16.21
C ASP B 194 3.47 29.44 -16.28
N TYR B 195 2.69 30.14 -15.45
CA TYR B 195 1.27 29.84 -15.29
C TYR B 195 0.43 30.27 -16.48
N ASN B 196 1.03 30.79 -17.54
CA ASN B 196 0.31 31.05 -18.78
C ASN B 196 0.96 30.45 -20.01
N GLN B 197 2.22 30.00 -19.92
CA GLN B 197 2.72 29.06 -20.91
C GLN B 197 2.00 27.72 -20.78
N LEU B 198 1.56 27.39 -19.57
CA LEU B 198 0.63 26.28 -19.39
C LEU B 198 -0.64 26.50 -20.19
N ALA B 199 -1.19 27.73 -20.15
CA ALA B 199 -2.32 28.08 -21.00
C ALA B 199 -1.92 28.15 -22.46
N LEU B 200 -0.64 28.40 -22.76
CA LEU B 200 -0.18 28.40 -24.15
C LEU B 200 -0.19 26.99 -24.72
N THR B 201 0.27 26.01 -23.95
CA THR B 201 0.26 24.61 -24.38
C THR B 201 -1.02 23.89 -24.02
N ALA B 202 -1.99 24.58 -23.41
CA ALA B 202 -3.24 23.96 -23.01
C ALA B 202 -4.10 23.60 -24.23
N ARG B 203 -4.54 24.60 -24.98
CA ARG B 203 -5.42 24.35 -26.11
C ARG B 203 -4.73 23.65 -27.27
N LEU B 204 -3.39 23.64 -27.29
CA LEU B 204 -2.64 23.00 -28.37
C LEU B 204 -2.29 21.55 -28.08
N PHE B 205 -2.44 21.13 -26.82
CA PHE B 205 -2.32 19.73 -26.44
C PHE B 205 -3.66 19.14 -26.03
N ARG B 206 -4.61 19.99 -25.62
CA ARG B 206 -5.99 19.64 -25.31
C ARG B 206 -6.06 18.51 -24.28
N PRO B 207 -5.67 18.75 -23.03
CA PRO B 207 -5.73 17.69 -22.02
C PRO B 207 -7.13 17.57 -21.44
N ARG B 208 -7.38 16.42 -20.83
CA ARG B 208 -8.62 16.16 -20.12
C ARG B 208 -8.50 16.31 -18.62
N LEU B 209 -7.30 16.55 -18.11
CA LEU B 209 -7.10 16.75 -16.67
C LEU B 209 -5.71 17.35 -16.46
N ILE B 210 -5.66 18.54 -15.88
CA ILE B 210 -4.41 19.20 -15.52
C ILE B 210 -4.24 19.10 -14.02
N ILE B 211 -2.99 18.87 -13.59
CA ILE B 211 -2.67 18.61 -12.19
C ILE B 211 -2.09 19.86 -11.56
N ALA B 212 -2.67 20.29 -10.43
CA ALA B 212 -2.20 21.44 -9.68
C ALA B 212 -1.64 20.93 -8.35
N GLY B 213 -0.39 20.45 -8.39
CA GLY B 213 0.27 19.97 -7.20
C GLY B 213 1.76 20.23 -7.30
N THR B 214 2.44 20.07 -6.18
CA THR B 214 3.86 20.38 -6.10
C THR B 214 4.59 19.36 -5.23
N SER B 215 5.81 19.02 -5.66
CA SER B 215 6.71 18.20 -4.88
C SER B 215 7.96 18.94 -4.42
N ALA B 216 8.33 20.03 -5.08
CA ALA B 216 9.45 20.87 -4.67
C ALA B 216 9.27 22.29 -5.19
N TYR B 217 8.43 23.07 -4.53
CA TYR B 217 8.08 24.41 -4.97
C TYR B 217 7.63 25.22 -3.76
N ALA B 218 8.13 26.45 -3.65
CA ALA B 218 8.01 27.20 -2.41
C ALA B 218 6.80 28.12 -2.35
N ARG B 219 6.17 28.42 -3.48
CA ARG B 219 5.06 29.38 -3.51
C ARG B 219 3.73 28.64 -3.53
N LEU B 220 2.66 29.42 -3.55
CA LEU B 220 1.31 28.88 -3.67
C LEU B 220 0.91 28.79 -5.14
N ILE B 221 -0.17 28.04 -5.40
CA ILE B 221 -0.69 27.86 -6.75
C ILE B 221 -2.03 28.57 -6.85
N ASP B 222 -2.19 29.38 -7.90
CA ASP B 222 -3.43 30.10 -8.13
C ASP B 222 -4.51 29.10 -8.48
N TYR B 223 -5.30 28.69 -7.48
CA TYR B 223 -6.29 27.64 -7.70
C TYR B 223 -7.48 28.15 -8.49
N ALA B 224 -7.78 29.45 -8.42
CA ALA B 224 -8.81 30.02 -9.30
C ALA B 224 -8.33 30.13 -10.73
N ARG B 225 -7.01 30.19 -10.96
CA ARG B 225 -6.48 30.25 -12.31
C ARG B 225 -6.40 28.86 -12.94
N MET B 226 -6.06 27.84 -12.14
CA MET B 226 -5.99 26.49 -12.67
C MET B 226 -7.34 25.95 -13.09
N ARG B 227 -8.42 26.43 -12.45
CA ARG B 227 -9.75 25.90 -12.76
C ARG B 227 -10.26 26.43 -14.09
N GLU B 228 -10.27 27.75 -14.28
CA GLU B 228 -10.81 28.31 -15.51
C GLU B 228 -9.94 27.97 -16.71
N VAL B 229 -8.64 27.78 -16.52
CA VAL B 229 -7.79 27.35 -17.62
C VAL B 229 -8.08 25.90 -18.00
N CYS B 230 -8.61 25.11 -17.06
CA CYS B 230 -9.09 23.76 -17.38
C CYS B 230 -10.48 23.77 -17.98
N ASP B 231 -11.28 24.80 -17.68
CA ASP B 231 -12.64 24.87 -18.22
C ASP B 231 -12.64 25.29 -19.68
N GLU B 232 -11.73 26.19 -20.07
CA GLU B 232 -11.66 26.61 -21.46
C GLU B 232 -11.12 25.51 -22.36
N VAL B 233 -10.45 24.51 -21.81
CA VAL B 233 -9.96 23.36 -22.55
C VAL B 233 -10.78 22.11 -22.25
N LYS B 234 -11.86 22.24 -21.48
CA LYS B 234 -12.73 21.14 -21.11
C LYS B 234 -11.94 20.01 -20.44
N ALA B 235 -11.30 20.36 -19.31
CA ALA B 235 -10.48 19.44 -18.55
C ALA B 235 -10.95 19.42 -17.10
N HIS B 236 -10.39 18.49 -16.34
CA HIS B 236 -10.69 18.37 -14.91
C HIS B 236 -9.52 18.91 -14.09
N LEU B 237 -9.84 19.57 -12.99
CA LEU B 237 -8.83 20.12 -12.09
C LEU B 237 -8.49 19.09 -11.02
N LEU B 238 -7.24 18.65 -11.00
CA LEU B 238 -6.74 17.71 -9.98
C LEU B 238 -5.72 18.45 -9.13
N ALA B 239 -5.97 18.49 -7.82
CA ALA B 239 -5.07 19.12 -6.85
C ALA B 239 -4.42 18.01 -6.04
N ASP B 240 -3.11 17.85 -6.15
CA ASP B 240 -2.39 16.84 -5.40
C ASP B 240 -1.74 17.51 -4.20
N MET B 241 -2.48 17.52 -3.09
CA MET B 241 -2.17 18.29 -1.89
C MET B 241 -1.10 17.63 -1.04
N ALA B 242 -0.27 16.78 -1.65
CA ALA B 242 0.56 15.88 -0.87
C ALA B 242 1.49 16.61 0.09
N HIS B 243 2.04 17.75 -0.34
CA HIS B 243 2.98 18.48 0.51
C HIS B 243 2.32 19.54 1.36
N ILE B 244 1.24 20.16 0.88
CA ILE B 244 0.58 21.24 1.60
C ILE B 244 -0.61 20.73 2.42
N SER B 245 -0.71 19.41 2.59
CA SER B 245 -1.90 18.80 3.18
C SER B 245 -2.19 19.36 4.57
N GLY B 246 -1.16 19.58 5.37
CA GLY B 246 -1.37 20.10 6.71
C GLY B 246 -1.75 21.56 6.73
N LEU B 247 -1.12 22.37 5.88
CA LEU B 247 -1.38 23.80 5.86
C LEU B 247 -2.76 24.14 5.31
N VAL B 248 -3.48 23.17 4.75
CA VAL B 248 -4.83 23.38 4.25
C VAL B 248 -5.88 22.99 5.27
N ALA B 249 -5.64 21.88 5.98
CA ALA B 249 -6.59 21.42 6.98
C ALA B 249 -6.71 22.43 8.12
N ALA B 250 -5.61 23.05 8.51
CA ALA B 250 -5.60 24.03 9.59
C ALA B 250 -6.16 25.38 9.17
N LYS B 251 -6.59 25.52 7.91
CA LYS B 251 -7.16 26.78 7.40
C LYS B 251 -6.18 27.94 7.55
N VAL B 252 -4.89 27.65 7.35
CA VAL B 252 -3.86 28.68 7.36
C VAL B 252 -3.37 29.01 5.94
N ILE B 253 -3.54 28.11 4.99
CA ILE B 253 -3.16 28.33 3.59
C ILE B 253 -4.42 28.08 2.76
N PRO B 254 -4.66 28.87 1.70
CA PRO B 254 -5.88 28.67 0.90
C PRO B 254 -6.03 27.25 0.42
N SER B 255 -7.29 26.79 0.34
CA SER B 255 -7.70 25.43 0.02
C SER B 255 -8.22 25.35 -1.41
N PRO B 256 -8.02 24.20 -2.07
CA PRO B 256 -8.55 24.00 -3.42
C PRO B 256 -9.97 23.47 -3.49
N PHE B 257 -10.61 23.20 -2.36
CA PHE B 257 -11.85 22.43 -2.32
C PHE B 257 -13.08 23.23 -2.68
N LYS B 258 -12.94 24.37 -3.34
CA LYS B 258 -14.08 24.99 -3.98
C LYS B 258 -13.74 25.50 -5.38
N HIS B 259 -12.49 25.36 -5.81
CA HIS B 259 -12.07 25.61 -7.18
C HIS B 259 -11.75 24.33 -7.94
N ALA B 260 -11.17 23.34 -7.28
CA ALA B 260 -10.85 22.07 -7.93
C ALA B 260 -11.98 21.06 -7.73
N ASP B 261 -12.03 20.08 -8.63
CA ASP B 261 -13.09 19.07 -8.60
C ASP B 261 -12.66 17.80 -7.87
N ILE B 262 -11.42 17.36 -8.07
CA ILE B 262 -10.88 16.17 -7.42
C ILE B 262 -9.57 16.54 -6.74
N VAL B 263 -9.33 15.98 -5.56
CA VAL B 263 -8.15 16.29 -4.75
C VAL B 263 -7.58 14.98 -4.22
N THR B 264 -6.27 14.78 -4.42
CA THR B 264 -5.56 13.63 -3.86
C THR B 264 -4.49 14.11 -2.90
N THR B 265 -4.14 13.28 -1.93
CA THR B 265 -3.16 13.69 -0.95
C THR B 265 -2.50 12.49 -0.29
N THR B 266 -1.42 12.77 0.42
CA THR B 266 -0.75 11.81 1.28
C THR B 266 -1.16 12.08 2.73
N THR B 267 -1.34 11.02 3.49
CA THR B 267 -1.51 11.14 4.93
C THR B 267 -0.19 11.27 5.65
N HIS B 268 0.90 11.42 4.89
CA HIS B 268 2.25 11.32 5.43
C HIS B 268 2.85 12.68 5.74
N LYS B 269 2.76 13.61 4.80
CA LYS B 269 3.45 14.89 4.90
C LYS B 269 2.52 15.90 5.57
N THR B 270 3.07 16.61 6.56
CA THR B 270 2.38 17.69 7.27
C THR B 270 1.13 17.24 8.03
N LEU B 271 0.53 16.12 7.62
CA LEU B 271 -0.56 15.54 8.39
C LEU B 271 -0.07 14.60 9.48
N ARG B 272 1.17 14.15 9.40
CA ARG B 272 1.83 13.42 10.48
C ARG B 272 1.09 12.12 10.81
N GLY B 273 0.73 11.37 9.77
CA GLY B 273 0.06 10.11 9.96
C GLY B 273 0.84 8.96 9.37
N ALA B 274 0.18 7.82 9.17
CA ALA B 274 0.81 6.71 8.48
C ALA B 274 0.96 7.05 6.99
N ARG B 275 1.67 6.18 6.28
CA ARG B 275 1.85 6.34 4.84
C ARG B 275 0.68 5.69 4.12
N SER B 276 -0.24 6.52 3.62
CA SER B 276 -1.33 6.06 2.79
C SER B 276 -1.75 7.21 1.88
N GLY B 277 -2.94 7.11 1.28
CA GLY B 277 -3.41 8.13 0.38
C GLY B 277 -4.90 8.37 0.57
N LEU B 278 -5.33 9.54 0.12
CA LEU B 278 -6.74 9.91 0.15
C LEU B 278 -7.13 10.52 -1.19
N ILE B 279 -8.38 10.32 -1.57
CA ILE B 279 -8.93 10.86 -2.81
C ILE B 279 -10.17 11.66 -2.46
N PHE B 280 -10.06 12.99 -2.48
CA PHE B 280 -11.18 13.88 -2.23
C PHE B 280 -11.86 14.19 -3.55
N TYR B 281 -13.08 13.69 -3.73
CA TYR B 281 -13.83 13.88 -4.96
C TYR B 281 -15.13 14.62 -4.66
N ARG B 282 -15.57 15.44 -5.63
CA ARG B 282 -16.83 16.15 -5.50
C ARG B 282 -18.00 15.18 -5.61
N LYS B 283 -19.13 15.59 -5.05
CA LYS B 283 -20.33 14.75 -5.02
C LYS B 283 -21.56 15.65 -5.01
N GLY B 284 -22.60 15.22 -5.71
CA GLY B 284 -23.86 15.93 -5.71
C GLY B 284 -24.23 16.56 -7.04
N VAL B 285 -24.86 17.72 -7.00
CA VAL B 285 -25.30 18.39 -8.21
C VAL B 285 -24.24 19.38 -8.67
N VAL B 288 -27.26 23.95 -13.13
CA VAL B 288 -28.24 22.95 -12.73
C VAL B 288 -29.20 22.65 -13.87
N ASP B 289 -28.75 22.90 -15.10
CA ASP B 289 -29.52 22.68 -16.32
C ASP B 289 -30.83 23.44 -16.27
N PRO B 290 -30.81 24.76 -16.11
CA PRO B 290 -32.06 25.53 -16.09
C PRO B 290 -32.80 25.51 -17.41
N LYS B 291 -32.12 25.26 -18.51
CA LYS B 291 -32.75 25.09 -19.82
C LYS B 291 -32.95 23.61 -20.11
N THR B 292 -34.13 23.27 -20.61
CA THR B 292 -34.49 21.89 -20.93
C THR B 292 -34.28 20.95 -19.75
N GLU B 295 -31.19 19.98 -13.82
CA GLU B 295 -30.68 18.73 -13.27
C GLU B 295 -29.37 18.33 -13.94
N ILE B 296 -28.30 18.28 -13.14
CA ILE B 296 -26.97 17.92 -13.63
C ILE B 296 -26.13 17.44 -12.46
N PRO B 297 -26.04 16.13 -12.22
CA PRO B 297 -25.29 15.62 -11.07
C PRO B 297 -23.82 15.38 -11.39
N TYR B 298 -23.02 15.34 -10.32
CA TYR B 298 -21.61 15.00 -10.46
C TYR B 298 -21.46 13.52 -10.75
N THR B 299 -20.46 13.18 -11.57
CA THR B 299 -20.24 11.82 -12.02
C THR B 299 -18.89 11.29 -11.57
N PHE B 300 -18.44 11.70 -10.38
CA PHE B 300 -17.09 11.38 -9.92
C PHE B 300 -17.03 10.16 -9.01
N GLU B 301 -17.89 10.12 -7.98
CA GLU B 301 -17.67 9.21 -6.87
C GLU B 301 -17.92 7.75 -7.23
N ASP B 302 -18.70 7.49 -8.28
CA ASP B 302 -18.90 6.10 -8.68
C ASP B 302 -17.73 5.57 -9.49
N ARG B 303 -16.99 6.45 -10.16
CA ARG B 303 -15.88 6.02 -11.00
C ARG B 303 -14.56 5.93 -10.24
N ILE B 304 -14.30 6.85 -9.32
CA ILE B 304 -13.05 6.81 -8.58
C ILE B 304 -13.07 5.70 -7.54
N ASN B 305 -14.23 5.41 -6.94
CA ASN B 305 -14.33 4.29 -6.02
C ASN B 305 -14.24 2.96 -6.76
N PHE B 306 -14.67 2.92 -8.02
CA PHE B 306 -14.48 1.71 -8.82
C PHE B 306 -13.05 1.58 -9.31
N ALA B 307 -12.33 2.69 -9.46
CA ALA B 307 -10.93 2.62 -9.87
C ALA B 307 -10.05 2.08 -8.75
N VAL B 308 -10.32 2.48 -7.51
CA VAL B 308 -9.55 1.97 -6.38
C VAL B 308 -9.83 0.49 -6.18
N PHE B 309 -11.11 0.09 -6.25
CA PHE B 309 -11.48 -1.32 -6.17
C PHE B 309 -12.74 -1.52 -6.99
N PRO B 310 -12.80 -2.56 -7.84
CA PRO B 310 -11.79 -3.62 -7.96
C PRO B 310 -10.85 -3.49 -9.15
N SER B 311 -10.47 -2.27 -9.53
CA SER B 311 -9.63 -2.06 -10.70
C SER B 311 -8.14 -2.15 -10.36
N LEU B 312 -7.65 -1.26 -9.50
CA LEU B 312 -6.22 -1.12 -9.28
C LEU B 312 -5.71 -2.05 -8.17
N GLN B 313 -6.19 -1.86 -6.95
CA GLN B 313 -5.75 -2.64 -5.81
C GLN B 313 -6.86 -3.56 -5.33
N GLY B 314 -6.54 -4.38 -4.33
CA GLY B 314 -7.50 -5.32 -3.78
C GLY B 314 -7.88 -5.02 -2.36
N GLY B 315 -7.39 -5.81 -1.42
CA GLY B 315 -7.72 -5.65 -0.02
C GLY B 315 -7.15 -4.37 0.58
N PRO B 316 -8.01 -3.59 1.21
CA PRO B 316 -7.54 -2.36 1.85
C PRO B 316 -6.70 -2.65 3.08
N HIS B 317 -5.82 -1.71 3.41
CA HIS B 317 -4.96 -1.81 4.58
C HIS B 317 -5.69 -1.14 5.73
N ASN B 318 -6.51 -1.91 6.45
CA ASN B 318 -7.34 -1.34 7.50
C ASN B 318 -6.52 -0.76 8.63
N HIS B 319 -5.34 -1.33 8.89
CA HIS B 319 -4.45 -0.76 9.90
C HIS B 319 -3.94 0.62 9.49
N ALA B 320 -3.80 0.85 8.19
CA ALA B 320 -3.45 2.18 7.72
C ALA B 320 -4.65 3.12 7.74
N ILE B 321 -5.83 2.62 7.41
CA ILE B 321 -7.04 3.44 7.44
C ILE B 321 -7.34 3.88 8.87
N ALA B 322 -7.11 3.00 9.84
CA ALA B 322 -7.34 3.36 11.23
C ALA B 322 -6.27 4.33 11.74
N ALA B 323 -5.02 4.13 11.31
CA ALA B 323 -3.93 4.99 11.75
C ALA B 323 -4.13 6.43 11.26
N VAL B 324 -4.55 6.59 10.01
CA VAL B 324 -4.73 7.94 9.48
C VAL B 324 -5.99 8.58 10.05
N ALA B 325 -6.97 7.77 10.45
CA ALA B 325 -8.13 8.32 11.14
C ALA B 325 -7.75 8.93 12.49
N VAL B 326 -6.72 8.38 13.14
CA VAL B 326 -6.23 8.97 14.37
C VAL B 326 -5.56 10.31 14.08
N ALA B 327 -4.76 10.38 13.01
CA ALA B 327 -4.11 11.63 12.66
C ALA B 327 -5.11 12.67 12.16
N LEU B 328 -6.22 12.22 11.57
CA LEU B 328 -7.25 13.16 11.12
C LEU B 328 -8.01 13.74 12.31
N LYS B 329 -8.24 12.94 13.35
CA LYS B 329 -8.84 13.45 14.57
C LYS B 329 -7.91 14.47 15.23
N GLN B 330 -6.61 14.22 15.18
CA GLN B 330 -5.64 15.21 15.68
C GLN B 330 -5.63 16.45 14.82
N ALA B 331 -5.95 16.33 13.53
CA ALA B 331 -5.89 17.47 12.62
C ALA B 331 -7.02 18.45 12.85
N CYS B 332 -8.12 18.03 13.47
CA CYS B 332 -9.24 18.91 13.75
C CYS B 332 -9.09 19.70 15.04
N THR B 333 -8.02 19.43 15.82
CA THR B 333 -7.76 20.05 17.12
C THR B 333 -6.92 21.32 16.97
N PRO B 334 -7.11 22.29 17.85
CA PRO B 334 -6.26 23.49 17.82
C PRO B 334 -4.79 23.18 18.06
N MET B 335 -4.47 22.05 18.68
CA MET B 335 -3.06 21.68 18.87
C MET B 335 -2.37 21.44 17.53
N PHE B 336 -3.13 21.07 16.49
CA PHE B 336 -2.56 20.85 15.17
C PHE B 336 -2.48 22.13 14.35
N ARG B 337 -3.42 23.06 14.52
CA ARG B 337 -3.37 24.31 13.78
C ARG B 337 -2.20 25.17 14.24
N GLU B 338 -2.04 25.33 15.56
CA GLU B 338 -0.88 26.05 16.08
C GLU B 338 0.41 25.33 15.71
N TYR B 339 0.37 24.01 15.58
CA TYR B 339 1.51 23.29 15.01
C TYR B 339 1.72 23.68 13.56
N SER B 340 0.64 23.71 12.77
CA SER B 340 0.73 24.16 11.38
C SER B 340 1.22 25.59 11.31
N LEU B 341 0.51 26.50 11.99
CA LEU B 341 0.88 27.92 12.01
C LEU B 341 2.35 28.11 12.36
N GLN B 342 2.93 27.19 13.14
CA GLN B 342 4.35 27.26 13.43
C GLN B 342 5.20 26.89 12.22
N VAL B 343 4.73 25.95 11.39
CA VAL B 343 5.54 25.47 10.27
C VAL B 343 5.82 26.59 9.29
N LEU B 344 4.81 27.42 9.00
CA LEU B 344 4.99 28.51 8.04
C LEU B 344 6.02 29.52 8.56
N LYS B 345 5.81 30.03 9.77
CA LYS B 345 6.78 30.95 10.36
C LYS B 345 8.12 30.29 10.64
N ASN B 346 8.14 28.95 10.78
CA ASN B 346 9.42 28.25 10.87
C ASN B 346 10.12 28.20 9.52
N ALA B 347 9.36 27.94 8.45
CA ALA B 347 9.94 27.97 7.11
C ALA B 347 10.29 29.39 6.71
N ARG B 348 9.47 30.37 7.09
CA ARG B 348 9.81 31.76 6.83
C ARG B 348 11.05 32.19 7.60
N ALA B 349 11.17 31.76 8.85
CA ALA B 349 12.39 32.02 9.61
C ALA B 349 13.56 31.21 9.06
N MET B 350 13.27 30.05 8.48
CA MET B 350 14.32 29.26 7.86
C MET B 350 14.86 29.94 6.60
N ALA B 351 13.99 30.54 5.80
CA ALA B 351 14.44 31.21 4.58
C ALA B 351 15.09 32.54 4.90
N ASP B 352 14.50 33.32 5.80
CA ASP B 352 15.06 34.62 6.14
C ASP B 352 16.43 34.49 6.80
N ALA B 353 16.59 33.51 7.69
CA ALA B 353 17.91 33.28 8.28
C ALA B 353 18.93 32.92 7.22
N LEU B 354 18.52 32.20 6.18
CA LEU B 354 19.39 31.94 5.06
C LEU B 354 19.51 33.15 4.13
N LEU B 355 18.43 33.91 3.99
CA LEU B 355 18.48 35.12 3.16
C LEU B 355 19.40 36.17 3.77
N GLU B 356 19.41 36.28 5.10
CA GLU B 356 20.24 37.27 5.79
C GLU B 356 21.73 36.94 5.74
N ARG B 357 22.13 35.82 5.14
CA ARG B 357 23.52 35.41 5.17
C ARG B 357 24.01 34.89 3.82
N GLY B 358 23.48 35.46 2.73
CA GLY B 358 23.99 35.16 1.40
C GLY B 358 23.47 33.88 0.78
N TYR B 359 22.14 33.74 0.71
CA TYR B 359 21.51 32.61 0.05
C TYR B 359 20.24 33.07 -0.65
N SER B 360 20.03 32.59 -1.86
CA SER B 360 18.91 33.00 -2.69
C SER B 360 17.77 31.98 -2.58
N LEU B 361 16.57 32.47 -2.31
CA LEU B 361 15.38 31.63 -2.25
C LEU B 361 14.74 31.56 -3.63
N VAL B 362 14.58 30.34 -4.15
CA VAL B 362 14.04 30.14 -5.49
C VAL B 362 12.54 30.40 -5.48
N SER B 363 12.13 31.64 -5.20
CA SER B 363 10.74 32.05 -5.16
C SER B 363 10.62 33.50 -4.74
N GLY B 364 11.53 33.96 -3.89
CA GLY B 364 11.39 35.24 -3.23
C GLY B 364 10.67 35.18 -1.90
N GLY B 365 10.64 34.02 -1.26
CA GLY B 365 9.88 33.79 -0.06
C GLY B 365 9.20 32.44 -0.11
N THR B 366 8.59 32.00 0.99
CA THR B 366 7.92 30.71 1.01
C THR B 366 6.81 30.74 2.06
N ASP B 367 5.59 30.51 1.62
CA ASP B 367 4.46 30.28 2.50
C ASP B 367 4.14 28.80 2.65
N ASN B 368 4.97 27.93 2.06
CA ASN B 368 4.77 26.49 2.14
C ASN B 368 5.34 25.94 3.45
N HIS B 369 6.43 25.18 3.36
CA HIS B 369 7.00 24.51 4.50
C HIS B 369 8.44 24.09 4.19
N LEU B 370 8.89 24.39 2.97
CA LEU B 370 10.21 23.98 2.50
C LEU B 370 10.97 25.21 2.04
N VAL B 371 12.26 25.01 1.80
CA VAL B 371 13.10 26.07 1.26
C VAL B 371 13.48 25.71 -0.16
N LEU B 372 14.43 26.46 -0.72
CA LEU B 372 14.98 26.21 -2.04
C LEU B 372 16.24 27.05 -2.21
N VAL B 373 17.40 26.46 -1.94
CA VAL B 373 18.65 27.20 -2.02
C VAL B 373 19.19 27.12 -3.44
N ASP B 374 20.07 28.06 -3.78
CA ASP B 374 20.74 28.08 -5.08
C ASP B 374 22.19 27.64 -4.97
N LEU B 375 22.49 26.73 -4.05
CA LEU B 375 23.84 26.24 -3.85
C LEU B 375 24.31 25.41 -5.06
N LYS B 378 25.47 30.11 -6.49
CA LYS B 378 26.58 30.81 -5.86
C LYS B 378 27.55 29.83 -5.21
N GLY B 379 27.82 28.73 -5.90
CA GLY B 379 28.73 27.72 -5.39
C GLY B 379 28.12 26.33 -5.37
N ASP B 381 27.57 22.83 -5.41
CA ASP B 381 26.39 22.35 -6.13
C ASP B 381 25.36 21.76 -5.17
N GLY B 382 24.39 21.03 -5.73
CA GLY B 382 23.35 20.41 -4.93
C GLY B 382 23.74 19.03 -4.44
N ALA B 383 24.17 18.16 -5.36
CA ALA B 383 24.57 16.81 -4.99
C ALA B 383 25.81 16.80 -4.09
N ARG B 384 26.57 17.89 -4.07
CA ARG B 384 27.77 17.94 -3.23
C ARG B 384 27.46 18.17 -1.76
N ALA B 385 26.31 18.75 -1.45
CA ALA B 385 26.00 19.08 -0.06
C ALA B 385 25.42 17.89 0.69
N GLU B 386 24.67 17.02 0.02
CA GLU B 386 23.98 15.94 0.74
C GLU B 386 24.97 14.98 1.39
N ARG B 387 26.07 14.67 0.72
CA ARG B 387 27.03 13.72 1.27
C ARG B 387 27.67 14.25 2.54
N VAL B 388 28.02 15.55 2.57
CA VAL B 388 28.60 16.13 3.77
C VAL B 388 27.58 16.37 4.86
N LEU B 389 26.29 16.33 4.53
CA LEU B 389 25.24 16.53 5.52
C LEU B 389 24.84 15.23 6.20
N GLU B 390 24.49 14.22 5.40
CA GLU B 390 24.07 12.94 5.97
C GLU B 390 25.19 12.28 6.76
N LEU B 391 26.45 12.60 6.46
CA LEU B 391 27.56 12.15 7.28
C LEU B 391 27.66 12.92 8.59
N VAL B 392 26.99 14.07 8.69
CA VAL B 392 26.93 14.84 9.93
C VAL B 392 25.57 14.70 10.61
N SER B 393 24.71 13.79 10.12
CA SER B 393 23.41 13.44 10.71
C SER B 393 22.36 14.52 10.44
N ILE B 394 22.39 15.08 9.24
CA ILE B 394 21.37 15.99 8.72
C ILE B 394 21.11 15.58 7.27
N THR B 395 19.85 15.32 6.92
CA THR B 395 19.53 14.79 5.61
C THR B 395 18.57 15.73 4.87
N ALA B 396 18.83 15.88 3.58
CA ALA B 396 18.06 16.71 2.66
C ALA B 396 17.93 15.96 1.34
N ASN B 397 17.75 16.69 0.24
CA ASN B 397 17.62 16.05 -1.06
C ASN B 397 17.98 17.05 -2.14
N LYS B 398 18.40 16.52 -3.30
CA LYS B 398 18.73 17.38 -4.42
C LYS B 398 17.48 18.08 -4.95
N ASN B 399 17.68 19.25 -5.53
CA ASN B 399 16.58 19.99 -6.14
C ASN B 399 17.12 20.76 -7.33
N THR B 400 16.47 20.58 -8.48
CA THR B 400 16.91 21.22 -9.71
C THR B 400 16.43 22.66 -9.72
N CYS B 401 17.36 23.61 -9.66
CA CYS B 401 17.00 25.01 -9.73
C CYS B 401 16.78 25.43 -11.19
N PRO B 402 15.86 26.37 -11.44
CA PRO B 402 15.62 26.82 -12.81
C PRO B 402 16.85 27.40 -13.48
N GLY B 403 17.39 26.70 -14.45
CA GLY B 403 18.58 27.15 -15.15
C GLY B 403 19.69 26.12 -15.13
N ASP B 404 19.53 25.07 -14.35
CA ASP B 404 20.53 24.03 -14.26
C ASP B 404 20.55 23.22 -15.55
N ARG B 405 21.72 23.12 -16.18
CA ARG B 405 21.88 22.32 -17.38
C ARG B 405 22.18 20.86 -17.08
N SER B 406 22.37 20.49 -15.82
CA SER B 406 22.73 19.13 -15.43
C SER B 406 21.60 18.51 -14.61
N THR B 407 21.72 17.20 -14.41
CA THR B 407 20.86 16.47 -13.48
C THR B 407 21.64 15.54 -12.56
N ILE B 408 22.89 15.20 -12.90
CA ILE B 408 23.71 14.38 -12.03
C ILE B 408 24.29 15.23 -10.90
N THR B 409 24.61 16.50 -11.16
CA THR B 409 25.11 17.41 -10.14
C THR B 409 24.23 18.67 -10.15
N PRO B 410 23.02 18.57 -9.59
CA PRO B 410 22.12 19.72 -9.60
C PRO B 410 22.60 20.87 -8.72
N GLY B 411 21.84 21.96 -8.66
CA GLY B 411 22.22 23.10 -7.88
C GLY B 411 21.11 23.62 -6.99
N GLY B 412 20.78 22.87 -5.94
CA GLY B 412 19.73 23.27 -5.03
C GLY B 412 19.36 22.21 -4.03
N LEU B 413 19.15 22.61 -2.78
CA LEU B 413 18.74 21.70 -1.72
C LEU B 413 17.36 22.09 -1.22
N ARG B 414 16.56 21.09 -0.87
CA ARG B 414 15.21 21.30 -0.37
C ARG B 414 15.13 20.79 1.06
N LEU B 415 15.21 21.72 2.01
CA LEU B 415 15.10 21.42 3.42
C LEU B 415 13.66 21.61 3.89
N GLY B 416 13.27 20.86 4.91
CA GLY B 416 11.88 20.76 5.32
C GLY B 416 11.66 21.14 6.77
N ALA B 417 10.58 21.87 7.02
CA ALA B 417 10.20 22.32 8.36
C ALA B 417 9.28 21.34 9.11
N PRO B 418 8.25 20.74 8.48
CA PRO B 418 7.28 19.95 9.27
C PRO B 418 7.89 18.85 10.12
N ALA B 419 9.07 18.33 9.76
CA ALA B 419 9.66 17.22 10.51
C ALA B 419 10.04 17.66 11.92
N LEU B 420 10.88 18.69 12.04
CA LEU B 420 11.33 19.13 13.35
C LEU B 420 10.34 20.04 14.05
N THR B 421 9.47 20.73 13.31
CA THR B 421 8.39 21.47 13.95
C THR B 421 7.51 20.54 14.78
N SER B 422 7.31 19.30 14.30
CA SER B 422 6.61 18.30 15.09
C SER B 422 7.37 17.95 16.36
N ARG B 423 8.68 18.17 16.40
CA ARG B 423 9.47 18.06 17.62
C ARG B 423 9.46 19.35 18.42
N GLN B 424 8.49 20.23 18.18
CA GLN B 424 8.36 21.51 18.88
C GLN B 424 9.58 22.40 18.63
N PHE B 425 10.07 22.41 17.40
CA PHE B 425 11.06 23.39 16.98
C PHE B 425 10.37 24.72 16.72
N ARG B 426 11.06 25.81 17.05
CA ARG B 426 10.50 27.14 16.81
C ARG B 426 11.52 28.04 16.12
N GLU B 427 11.25 29.35 16.09
CA GLU B 427 12.04 30.31 15.33
C GLU B 427 13.52 30.23 15.64
N ASP B 428 13.91 30.57 16.88
CA ASP B 428 15.31 30.54 17.26
C ASP B 428 15.90 29.14 17.20
N ASP B 429 15.06 28.11 17.30
CA ASP B 429 15.55 26.74 17.14
C ASP B 429 15.91 26.46 15.69
N PHE B 430 15.09 26.94 14.76
CA PHE B 430 15.39 26.79 13.34
C PHE B 430 16.49 27.72 12.88
N ARG B 431 16.55 28.94 13.43
CA ARG B 431 17.66 29.83 13.15
C ARG B 431 19.00 29.20 13.49
N ARG B 432 19.02 28.33 14.51
CA ARG B 432 20.22 27.58 14.83
C ARG B 432 20.49 26.49 13.80
N VAL B 433 19.43 25.89 13.25
CA VAL B 433 19.61 24.82 12.26
C VAL B 433 20.26 25.37 11.00
N VAL B 434 19.89 26.59 10.60
CA VAL B 434 20.54 27.22 9.45
C VAL B 434 22.00 27.53 9.76
N ASP B 435 22.34 27.75 11.03
CA ASP B 435 23.72 27.97 11.42
C ASP B 435 24.51 26.67 11.52
N PHE B 436 23.83 25.52 11.66
CA PHE B 436 24.53 24.25 11.69
C PHE B 436 24.89 23.78 10.29
N ILE B 437 23.99 23.98 9.33
CA ILE B 437 24.28 23.69 7.93
C ILE B 437 25.37 24.61 7.42
N ASP B 438 25.44 25.82 7.98
CA ASP B 438 26.44 26.80 7.58
C ASP B 438 27.85 26.22 7.61
N GLU B 439 28.23 25.64 8.75
CA GLU B 439 29.57 25.05 8.86
C GLU B 439 29.74 23.84 7.95
N GLY B 440 28.64 23.13 7.65
CA GLY B 440 28.74 22.01 6.73
C GLY B 440 28.90 22.46 5.29
N VAL B 441 28.09 23.44 4.88
CA VAL B 441 28.23 23.98 3.53
C VAL B 441 29.55 24.73 3.37
N ASN B 442 30.05 25.37 4.43
CA ASN B 442 31.29 26.13 4.31
C ASN B 442 32.50 25.22 4.22
N ILE B 443 32.43 24.04 4.83
CA ILE B 443 33.46 23.02 4.64
C ILE B 443 33.30 22.34 3.30
N GLY B 444 32.07 22.22 2.80
CA GLY B 444 31.85 21.64 1.49
C GLY B 444 32.37 22.51 0.36
N LEU B 445 32.27 23.84 0.52
CA LEU B 445 32.85 24.74 -0.47
C LEU B 445 34.37 24.63 -0.51
N GLU B 446 34.99 24.21 0.59
CA GLU B 446 36.43 23.97 0.60
C GLU B 446 36.76 22.66 -0.10
N VAL B 447 35.91 21.65 0.05
CA VAL B 447 36.13 20.38 -0.66
C VAL B 447 35.77 20.53 -2.13
N LYS B 448 34.80 21.39 -2.46
CA LYS B 448 34.50 21.66 -3.87
C LYS B 448 35.65 22.40 -4.54
N SER B 449 36.41 23.19 -3.77
CA SER B 449 37.62 23.79 -4.29
C SER B 449 38.76 22.79 -4.47
N LYS B 450 38.62 21.59 -3.90
CA LYS B 450 39.61 20.54 -4.07
C LYS B 450 38.99 19.34 -4.77
N THR B 451 39.60 18.16 -4.58
CA THR B 451 39.11 16.91 -5.18
C THR B 451 39.00 17.03 -6.69
N ALA B 452 38.15 16.19 -7.29
CA ALA B 452 37.97 16.19 -8.74
C ALA B 452 36.62 15.57 -9.06
N LYS B 453 35.69 16.40 -9.52
CA LYS B 453 34.32 15.98 -9.84
C LYS B 453 33.59 15.46 -8.61
N LEU B 454 32.36 14.96 -8.80
CA LEU B 454 31.56 14.49 -7.67
C LEU B 454 32.08 13.18 -7.10
N GLN B 455 32.82 12.39 -7.89
CA GLN B 455 33.30 11.10 -7.39
C GLN B 455 34.36 11.28 -6.31
N ASP B 456 35.30 12.21 -6.52
CA ASP B 456 36.36 12.44 -5.54
C ASP B 456 35.87 13.25 -4.34
N PHE B 457 34.71 13.92 -4.46
CA PHE B 457 34.15 14.61 -3.31
C PHE B 457 33.84 13.63 -2.19
N LYS B 458 32.96 12.67 -2.44
CA LYS B 458 32.62 11.66 -1.45
C LYS B 458 33.75 10.66 -1.22
N SER B 459 34.80 10.68 -2.03
CA SER B 459 35.90 9.72 -1.89
C SER B 459 36.81 10.10 -0.72
N PHE B 460 37.36 11.31 -0.76
CA PHE B 460 38.29 11.74 0.28
C PHE B 460 37.61 12.05 1.60
N LEU B 461 36.28 12.05 1.65
CA LEU B 461 35.60 12.35 2.90
C LEU B 461 35.68 11.19 3.88
N LEU B 462 35.40 9.97 3.40
CA LEU B 462 35.50 8.77 4.21
C LEU B 462 36.84 8.07 4.06
N LYS B 463 37.87 8.79 3.62
CA LYS B 463 39.18 8.19 3.40
C LYS B 463 40.30 9.01 4.03
N ASP B 464 40.29 10.33 3.81
CA ASP B 464 41.32 11.19 4.36
C ASP B 464 41.18 11.29 5.88
N SER B 465 42.32 11.41 6.56
CA SER B 465 42.33 11.42 8.02
C SER B 465 41.93 12.79 8.57
N GLU B 466 42.44 13.87 7.97
CA GLU B 466 42.15 15.20 8.49
C GLU B 466 40.73 15.64 8.19
N THR B 467 40.16 15.16 7.07
CA THR B 467 38.81 15.59 6.70
C THR B 467 37.75 15.02 7.63
N SER B 468 38.02 13.87 8.25
CA SER B 468 37.07 13.24 9.17
C SER B 468 37.05 13.91 10.54
N GLN B 469 37.76 15.03 10.72
CA GLN B 469 37.77 15.75 11.99
C GLN B 469 36.61 16.74 12.07
N ARG B 470 36.50 17.63 11.08
CA ARG B 470 35.32 18.48 10.98
C ARG B 470 34.07 17.67 10.70
N LEU B 471 34.22 16.48 10.11
CA LEU B 471 33.08 15.58 9.92
C LEU B 471 32.46 15.19 11.24
N ALA B 472 33.28 14.67 12.17
CA ALA B 472 32.76 14.14 13.42
C ALA B 472 32.44 15.25 14.41
N ASN B 473 33.19 16.36 14.38
CA ASN B 473 32.91 17.46 15.32
C ASN B 473 31.55 18.08 15.05
N LEU B 474 31.27 18.43 13.79
CA LEU B 474 29.98 19.01 13.46
C LEU B 474 28.85 17.99 13.62
N ARG B 475 29.14 16.71 13.40
CA ARG B 475 28.14 15.68 13.68
C ARG B 475 27.89 15.56 15.18
N GLN B 476 28.93 15.75 15.98
CA GLN B 476 28.79 15.67 17.43
C GLN B 476 27.81 16.72 17.94
N ARG B 477 28.13 18.00 17.70
CA ARG B 477 27.28 19.08 18.20
C ARG B 477 25.89 19.05 17.57
N VAL B 478 25.77 18.49 16.36
CA VAL B 478 24.44 18.35 15.76
C VAL B 478 23.66 17.27 16.48
N GLU B 479 24.32 16.19 16.89
CA GLU B 479 23.64 15.14 17.64
C GLU B 479 23.28 15.61 19.05
N GLN B 480 24.19 16.34 19.70
CA GLN B 480 23.90 16.86 21.03
C GLN B 480 22.75 17.86 20.99
N PHE B 481 22.63 18.62 19.90
CA PHE B 481 21.54 19.59 19.79
C PHE B 481 20.22 18.94 19.41
N ALA B 482 20.26 17.80 18.73
CA ALA B 482 19.04 17.13 18.27
C ALA B 482 18.42 16.24 19.34
N ARG B 483 19.25 15.53 20.11
CA ARG B 483 18.73 14.58 21.09
C ARG B 483 17.97 15.27 22.22
N ALA B 484 18.18 16.58 22.41
CA ALA B 484 17.54 17.28 23.52
C ALA B 484 16.06 17.60 23.24
N PHE B 485 15.62 17.53 21.98
CA PHE B 485 14.25 17.85 21.65
C PHE B 485 13.34 16.63 21.80
N PRO B 486 12.07 16.83 22.11
CA PRO B 486 11.16 15.67 22.21
C PRO B 486 10.89 15.06 20.85
N MET B 487 10.63 13.75 20.86
CA MET B 487 10.41 12.99 19.64
C MET B 487 9.06 12.29 19.70
N PRO B 488 8.14 12.57 18.79
CA PRO B 488 6.85 11.87 18.80
C PRO B 488 7.02 10.38 18.55
N GLY B 489 5.97 9.63 18.90
CA GLY B 489 6.00 8.19 18.75
C GLY B 489 6.50 7.49 19.99
N PHE B 490 6.84 6.21 19.81
CA PHE B 490 7.34 5.41 20.92
C PHE B 490 8.75 5.86 21.31
N ASP B 491 9.17 5.43 22.50
CA ASP B 491 10.49 5.77 23.02
C ASP B 491 11.56 4.80 22.53
N GLU B 492 11.21 3.55 22.32
CA GLU B 492 12.15 2.53 21.87
C GLU B 492 12.11 2.29 20.38
N HIS B 493 10.91 2.24 19.79
CA HIS B 493 10.79 1.84 18.40
C HIS B 493 9.89 2.74 17.56
#